data_7KRV
#
_entry.id   7KRV
#
_cell.length_a   98.698
_cell.length_b   98.698
_cell.length_c   382.605
_cell.angle_alpha   90.000
_cell.angle_beta   90.000
_cell.angle_gamma   120.000
#
_symmetry.space_group_name_H-M   'P 65 2 2'
#
loop_
_entity.id
_entity.type
_entity.pdbx_description
1 polymer 'Chaperone protein DnaK fused with substrate peptide'
2 non-polymer 'SULFATE ION'
3 non-polymer 'MAGNESIUM ION'
4 non-polymer "ADENOSINE-5'-TRIPHOSPHATE"
5 non-polymer ethane-1,2-dithiol
6 water water
#
_entity_poly.entity_id   1
_entity_poly.type   'polypeptide(L)'
_entity_poly.pdbx_seq_one_letter_code
;MGKIIGIDLGTTNSCVAIMDGTTPRVLENAEGDRTTPSIIAYTQDGETLVGQPAKRQAVTNPQNTLFAIKRLIGRRFQDE
EVQRDVSIMPFKIIAADNGDAWVEVKGQKMAPPQISAEVLKKMKKTAEDYLGEPVTEAVITVPAYFNDAQRQATKDAGRI
AGLEVKCIINEPTAAALAYGLDKGTGNRTIAVYDLGGGAFDISIIEIDEVDGEKTFEVLATNGDTHLGGEDFDSRLINYL
VEEFKKDQGIDLRNDPLAMQRLKEAAEKAKIELSSAQQTDVNLPYITADATGPKHMNIKVTRAKLESLVEDLVNRSIEPL
KVALQDAGLSVSDIDDVILVGGQTRMPMVQKKVAEFFGKEPRKDVNPDEAVAIGAAVQGGVLTGDVKDVLLLDVTPLSLG
IETMGGVMTTLIAKNTTIPTKHSQVFSTAEDNQSAVTIHVLQGERKRAADNKSLGQFNLDGINPAPRGMPQIEVTFDIDC
DGILHVSAKDKNSGKEQKITIKASSGLNEDEIQKMVRDAEANAEADRKFEELVQTRNQGDTTGSGNRLLLTG
;
_entity_poly.pdbx_strand_id   B,A
#
# COMPACT_ATOMS: atom_id res chain seq x y z
N GLY A 2 -18.41 3.90 18.36
CA GLY A 2 -18.87 2.88 17.43
C GLY A 2 -17.74 1.94 17.03
N LYS A 3 -17.00 2.35 16.01
CA LYS A 3 -15.89 1.55 15.51
C LYS A 3 -14.62 1.81 16.29
N ILE A 4 -13.79 0.78 16.38
CA ILE A 4 -12.54 0.86 17.12
C ILE A 4 -11.43 0.73 16.10
N ILE A 5 -10.54 1.68 16.09
CA ILE A 5 -9.51 1.67 15.04
C ILE A 5 -8.26 1.04 15.63
N GLY A 6 -7.44 0.48 14.76
CA GLY A 6 -6.16 -0.09 15.15
C GLY A 6 -5.03 0.78 14.62
N ILE A 7 -4.15 1.19 15.53
CA ILE A 7 -3.06 2.09 15.19
C ILE A 7 -1.74 1.46 15.58
N ASP A 8 -0.86 1.37 14.60
CA ASP A 8 0.55 1.03 14.78
C ASP A 8 1.30 2.34 14.92
N LEU A 9 1.76 2.63 16.14
CA LEU A 9 2.53 3.84 16.40
C LEU A 9 4.00 3.49 16.33
N GLY A 10 4.61 3.72 15.18
CA GLY A 10 5.96 3.25 14.97
C GLY A 10 7.00 4.27 15.28
N THR A 11 8.20 3.77 15.56
CA THR A 11 9.36 4.65 15.67
C THR A 11 9.52 5.49 14.41
N THR A 12 9.37 4.84 13.25
CA THR A 12 9.60 5.47 11.97
C THR A 12 8.29 5.79 11.27
N ASN A 13 7.37 4.85 11.24
CA ASN A 13 6.13 4.98 10.48
C ASN A 13 4.94 4.54 11.30
N SER A 14 3.81 5.22 11.10
CA SER A 14 2.57 4.82 11.73
C SER A 14 1.59 4.41 10.63
N CYS A 15 0.61 3.62 11.02
CA CYS A 15 -0.33 3.00 10.09
C CYS A 15 -1.63 2.79 10.86
N VAL A 16 -2.78 3.01 10.18
CA VAL A 16 -4.08 2.86 10.82
C VAL A 16 -4.97 1.94 10.00
N ALA A 17 -5.70 1.07 10.70
CA ALA A 17 -6.56 0.12 10.01
C ALA A 17 -7.88 -0.01 10.76
N ILE A 18 -8.86 -0.57 10.06
CA ILE A 18 -10.17 -0.79 10.65
C ILE A 18 -10.78 -2.08 10.11
N MET A 19 -11.69 -2.67 10.90
CA MET A 19 -12.50 -3.79 10.42
C MET A 19 -13.65 -3.27 9.57
N ASP A 20 -13.69 -3.70 8.31
CA ASP A 20 -14.80 -3.42 7.41
C ASP A 20 -15.61 -4.70 7.26
N GLY A 21 -16.50 -4.93 8.23
CA GLY A 21 -17.17 -6.22 8.29
C GLY A 21 -16.23 -7.34 8.71
N THR A 22 -15.95 -8.26 7.79
CA THR A 22 -15.08 -9.39 8.11
C THR A 22 -13.63 -9.15 7.76
N THR A 23 -13.33 -8.16 6.92
CA THR A 23 -11.97 -8.01 6.47
C THR A 23 -11.39 -6.68 6.95
N PRO A 24 -10.16 -6.68 7.44
CA PRO A 24 -9.55 -5.40 7.82
C PRO A 24 -9.18 -4.59 6.59
N ARG A 25 -9.20 -3.27 6.77
CA ARG A 25 -8.83 -2.31 5.72
C ARG A 25 -7.76 -1.37 6.26
N VAL A 26 -6.62 -1.32 5.60
CA VAL A 26 -5.63 -0.29 5.90
C VAL A 26 -6.02 0.99 5.19
N LEU A 27 -6.06 2.08 5.95
CA LEU A 27 -6.57 3.34 5.44
C LEU A 27 -5.46 4.25 4.96
N GLU A 28 -5.66 4.83 3.77
CA GLU A 28 -4.73 5.78 3.14
C GLU A 28 -4.95 7.17 3.72
N ASN A 29 -3.87 7.93 3.83
CA ASN A 29 -3.98 9.33 4.22
C ASN A 29 -4.10 10.22 2.97
N ALA A 30 -4.15 11.54 3.18
CA ALA A 30 -4.50 12.47 2.11
C ALA A 30 -3.53 12.47 0.94
N GLU A 31 -2.27 12.04 1.13
CA GLU A 31 -1.41 11.98 -0.04
C GLU A 31 -1.60 10.69 -0.80
N GLY A 32 -2.34 9.77 -0.18
CA GLY A 32 -2.57 8.45 -0.73
C GLY A 32 -1.76 7.37 -0.07
N ASP A 33 -1.17 7.63 1.10
CA ASP A 33 -0.18 6.73 1.69
C ASP A 33 -0.80 5.90 2.81
N ARG A 34 -0.50 4.60 2.79
CA ARG A 34 -0.97 3.66 3.80
C ARG A 34 -0.15 3.69 5.08
N THR A 35 1.01 4.33 5.05
CA THR A 35 1.74 4.67 6.26
C THR A 35 2.12 6.14 6.27
N THR A 36 2.33 6.63 7.48
CA THR A 36 2.64 8.03 7.75
C THR A 36 3.91 8.15 8.56
N PRO A 37 4.91 8.89 8.10
CA PRO A 37 6.13 9.05 8.89
C PRO A 37 5.81 9.62 10.25
N SER A 38 6.43 9.05 11.29
CA SER A 38 6.21 9.47 12.68
C SER A 38 7.11 10.67 12.97
N ILE A 39 6.78 11.79 12.31
CA ILE A 39 7.63 12.98 12.31
C ILE A 39 6.75 14.20 12.51
N ILE A 40 7.16 15.08 13.42
CA ILE A 40 6.40 16.26 13.81
C ILE A 40 7.32 17.48 13.74
N ALA A 41 6.88 18.53 13.05
CA ALA A 41 7.72 19.69 12.85
C ALA A 41 7.00 20.98 13.20
N TYR A 42 7.76 21.89 13.80
CA TYR A 42 7.25 23.19 14.22
C TYR A 42 8.01 24.23 13.41
N THR A 43 7.29 24.92 12.54
CA THR A 43 7.91 25.77 11.55
C THR A 43 8.07 27.20 12.02
N GLN A 44 8.95 27.92 11.34
CA GLN A 44 9.23 29.31 11.66
C GLN A 44 7.95 30.17 11.64
N ASP A 45 7.01 29.87 10.73
CA ASP A 45 5.77 30.64 10.61
C ASP A 45 4.62 30.08 11.47
N GLY A 46 4.90 29.22 12.44
CA GLY A 46 3.90 28.86 13.44
C GLY A 46 3.06 27.64 13.16
N GLU A 47 3.38 26.89 12.10
CA GLU A 47 2.61 25.69 11.77
C GLU A 47 3.15 24.48 12.51
N THR A 48 2.26 23.52 12.76
CA THR A 48 2.62 22.17 13.23
C THR A 48 2.40 21.17 12.11
N LEU A 49 3.49 20.59 11.59
CA LEU A 49 3.43 19.60 10.53
C LEU A 49 3.57 18.19 11.11
N VAL A 50 2.93 17.24 10.45
CA VAL A 50 2.92 15.83 10.85
C VAL A 50 3.01 14.97 9.61
N GLY A 51 3.92 14.01 9.60
CA GLY A 51 3.96 13.12 8.45
C GLY A 51 4.90 13.52 7.34
N GLN A 52 4.53 13.20 6.11
CA GLN A 52 5.41 13.50 4.98
C GLN A 52 5.70 15.00 4.85
N PRO A 53 4.78 15.91 5.12
CA PRO A 53 5.17 17.33 5.08
C PRO A 53 6.25 17.68 6.11
N ALA A 54 6.18 17.12 7.31
CA ALA A 54 7.26 17.30 8.27
C ALA A 54 8.57 16.70 7.76
N LYS A 55 8.51 15.51 7.17
CA LYS A 55 9.72 14.87 6.67
C LYS A 55 10.40 15.71 5.60
N ARG A 56 9.62 16.33 4.71
CA ARG A 56 10.21 17.00 3.57
C ARG A 56 10.95 18.27 3.98
N GLN A 57 10.54 18.94 5.06
CA GLN A 57 11.23 20.15 5.50
C GLN A 57 12.20 19.91 6.66
N ALA A 58 12.48 18.64 6.99
CA ALA A 58 13.41 18.30 8.08
C ALA A 58 14.83 18.76 7.79
N VAL A 59 15.32 18.51 6.57
CA VAL A 59 16.73 18.71 6.26
C VAL A 59 17.14 20.18 6.36
N THR A 60 16.17 21.09 6.43
CA THR A 60 16.44 22.50 6.63
C THR A 60 16.04 23.01 8.01
N ASN A 61 15.37 22.18 8.82
CA ASN A 61 14.82 22.64 10.10
C ASN A 61 15.16 21.63 11.17
N PRO A 62 16.44 21.30 11.32
CA PRO A 62 16.82 20.16 12.16
C PRO A 62 16.47 20.36 13.62
N GLN A 63 16.32 21.60 14.06
CA GLN A 63 16.07 21.87 15.47
C GLN A 63 14.63 21.60 15.84
N ASN A 64 13.69 21.96 14.97
CA ASN A 64 12.27 21.93 15.32
C ASN A 64 11.50 20.84 14.58
N THR A 65 12.21 19.83 14.06
CA THR A 65 11.63 18.64 13.47
C THR A 65 11.93 17.47 14.40
N LEU A 66 10.88 16.88 14.98
CA LEU A 66 11.00 15.79 15.95
C LEU A 66 10.72 14.44 15.30
N PHE A 67 11.57 13.47 15.57
CA PHE A 67 11.41 12.13 15.04
C PHE A 67 11.93 11.18 16.10
N ALA A 68 11.60 9.89 15.94
CA ALA A 68 12.07 8.86 16.86
C ALA A 68 11.73 9.19 18.32
N ILE A 69 10.61 9.91 18.53
CA ILE A 69 10.15 10.23 19.88
C ILE A 69 9.75 8.99 20.65
N LYS A 70 9.40 7.91 19.96
CA LYS A 70 9.16 6.64 20.62
C LYS A 70 10.37 6.17 21.44
N ARG A 71 11.58 6.63 21.10
CA ARG A 71 12.76 6.29 21.91
C ARG A 71 12.77 6.99 23.25
N LEU A 72 11.95 8.02 23.41
CA LEU A 72 11.91 8.82 24.62
C LEU A 72 10.69 8.57 25.49
N ILE A 73 9.62 8.07 24.88
CA ILE A 73 8.32 8.08 25.55
C ILE A 73 8.36 7.12 26.73
N GLY A 74 7.82 7.60 27.85
CA GLY A 74 7.81 6.89 29.12
C GLY A 74 9.14 6.73 29.79
N ARG A 75 10.19 7.41 29.30
CA ARG A 75 11.54 7.25 29.85
C ARG A 75 11.97 8.44 30.70
N ARG A 76 12.89 8.18 31.64
CA ARG A 76 13.51 9.19 32.48
C ARG A 76 14.73 9.81 31.80
N PHE A 77 14.97 11.09 32.09
CA PHE A 77 16.07 11.81 31.44
C PHE A 77 17.43 11.15 31.71
N GLN A 78 17.59 10.47 32.85
CA GLN A 78 18.85 9.82 33.19
C GLN A 78 18.93 8.39 32.69
N ASP A 79 17.84 7.85 32.18
CA ASP A 79 17.86 6.56 31.51
C ASP A 79 19.05 6.48 30.55
N GLU A 80 19.70 5.31 30.54
CA GLU A 80 20.83 5.07 29.65
C GLU A 80 20.48 5.36 28.19
N GLU A 81 19.35 4.84 27.70
CA GLU A 81 19.03 5.04 26.28
C GLU A 81 18.78 6.51 25.96
N VAL A 82 18.17 7.27 26.86
CA VAL A 82 17.91 8.68 26.58
C VAL A 82 19.22 9.44 26.40
N GLN A 83 20.18 9.23 27.31
CA GLN A 83 21.46 9.94 27.22
C GLN A 83 22.21 9.56 25.93
N ARG A 84 22.20 8.28 25.58
CA ARG A 84 22.74 7.87 24.29
C ARG A 84 22.04 8.57 23.14
N ASP A 85 20.74 8.85 23.29
CA ASP A 85 19.97 9.49 22.24
C ASP A 85 20.21 10.99 22.16
N VAL A 86 20.58 11.63 23.27
CA VAL A 86 20.62 13.10 23.32
C VAL A 86 21.56 13.65 22.27
N SER A 87 22.77 13.09 22.19
CA SER A 87 23.78 13.62 21.29
C SER A 87 23.33 13.49 19.84
N ILE A 88 22.92 12.29 19.43
CA ILE A 88 22.71 12.03 18.00
C ILE A 88 21.52 12.84 17.50
N MET A 89 20.54 13.09 18.35
CA MET A 89 19.36 13.80 17.91
C MET A 89 19.66 15.27 17.69
N PRO A 90 19.20 15.86 16.59
CA PRO A 90 19.43 17.28 16.35
C PRO A 90 18.53 18.20 17.12
N PHE A 91 17.54 17.68 17.82
CA PHE A 91 16.69 18.53 18.61
C PHE A 91 17.08 18.47 20.09
N LYS A 92 16.52 19.39 20.86
CA LYS A 92 16.93 19.57 22.24
C LYS A 92 16.12 18.63 23.13
N ILE A 93 16.82 17.70 23.78
CA ILE A 93 16.25 16.82 24.78
C ILE A 93 16.67 17.32 26.16
N ILE A 94 15.69 17.55 27.04
CA ILE A 94 15.91 18.18 28.34
C ILE A 94 15.28 17.31 29.42
N ALA A 95 15.63 17.60 30.67
CA ALA A 95 14.98 16.98 31.83
C ALA A 95 13.84 17.86 32.29
N ALA A 96 12.67 17.24 32.49
CA ALA A 96 11.55 17.94 33.07
C ALA A 96 11.81 18.21 34.54
N ASP A 97 10.97 19.06 35.14
CA ASP A 97 11.15 19.34 36.56
C ASP A 97 11.08 18.06 37.38
N ASN A 98 10.35 17.05 36.90
CA ASN A 98 10.20 15.77 37.60
C ASN A 98 11.21 14.71 37.19
N GLY A 99 12.16 15.00 36.31
CA GLY A 99 13.15 14.02 35.90
C GLY A 99 12.81 13.19 34.67
N ASP A 100 11.66 13.44 34.06
CA ASP A 100 11.31 12.74 32.83
C ASP A 100 12.05 13.33 31.63
N ALA A 101 12.26 12.50 30.61
CA ALA A 101 12.86 12.97 29.37
C ALA A 101 11.81 13.72 28.56
N TRP A 102 12.11 14.98 28.26
CA TRP A 102 11.23 15.85 27.51
C TRP A 102 12.02 16.40 26.32
N VAL A 103 11.36 17.23 25.53
CA VAL A 103 11.98 17.94 24.43
C VAL A 103 11.61 19.42 24.56
N GLU A 104 12.44 20.27 23.97
CA GLU A 104 12.18 21.71 23.93
C GLU A 104 12.25 22.19 22.50
N VAL A 105 11.18 22.86 22.06
CA VAL A 105 11.08 23.40 20.72
C VAL A 105 10.66 24.86 20.81
N LYS A 106 11.44 25.73 20.19
CA LYS A 106 11.11 27.15 20.17
C LYS A 106 10.78 27.64 21.59
N GLY A 107 11.64 27.23 22.53
CA GLY A 107 11.47 27.58 23.92
C GLY A 107 10.30 26.93 24.64
N GLN A 108 9.50 26.10 23.98
CA GLN A 108 8.40 25.37 24.62
C GLN A 108 8.88 23.99 25.06
N LYS A 109 8.67 23.67 26.34
CA LYS A 109 9.04 22.36 26.89
C LYS A 109 7.83 21.44 26.71
N MET A 110 8.05 20.27 26.08
CA MET A 110 6.96 19.39 25.73
C MET A 110 7.29 17.95 26.12
N ALA A 111 6.30 17.27 26.66
CA ALA A 111 6.37 15.85 27.01
C ALA A 111 6.18 14.98 25.77
N PRO A 112 6.86 13.85 25.68
CA PRO A 112 6.76 13.03 24.46
C PRO A 112 5.34 12.65 24.10
N PRO A 113 4.47 12.34 25.07
CA PRO A 113 3.11 11.95 24.68
C PRO A 113 2.38 13.05 23.95
N GLN A 114 2.71 14.33 24.24
CA GLN A 114 2.13 15.42 23.47
C GLN A 114 2.58 15.37 22.03
N ILE A 115 3.84 15.00 21.82
CA ILE A 115 4.37 14.92 20.46
C ILE A 115 3.77 13.75 19.72
N SER A 116 3.80 12.57 20.34
CA SER A 116 3.23 11.40 19.69
C SER A 116 1.73 11.57 19.44
N ALA A 117 1.04 12.30 20.30
CA ALA A 117 -0.38 12.57 20.08
C ALA A 117 -0.62 13.21 18.73
N GLU A 118 0.35 13.98 18.26
CA GLU A 118 0.16 14.63 16.97
C GLU A 118 0.09 13.60 15.87
N VAL A 119 0.88 12.53 15.97
CA VAL A 119 0.82 11.47 14.97
C VAL A 119 -0.48 10.70 15.09
N LEU A 120 -0.90 10.46 16.34
CA LEU A 120 -2.12 9.71 16.57
C LEU A 120 -3.37 10.48 16.16
N LYS A 121 -3.35 11.81 16.30
CA LYS A 121 -4.45 12.61 15.76
C LYS A 121 -4.53 12.49 14.25
N LYS A 122 -3.39 12.52 13.56
CA LYS A 122 -3.43 12.34 12.13
C LYS A 122 -4.02 10.98 11.75
N MET A 123 -3.74 9.94 12.56
CA MET A 123 -4.29 8.62 12.29
C MET A 123 -5.81 8.61 12.49
N LYS A 124 -6.25 9.20 13.60
CA LYS A 124 -7.67 9.35 13.88
C LYS A 124 -8.39 10.07 12.76
N LYS A 125 -7.85 11.22 12.32
CA LYS A 125 -8.49 11.97 11.27
C LYS A 125 -8.52 11.19 9.97
N THR A 126 -7.44 10.47 9.66
CA THR A 126 -7.44 9.61 8.47
C THR A 126 -8.61 8.64 8.53
N ALA A 127 -8.90 8.13 9.72
CA ALA A 127 -9.99 7.20 9.89
C ALA A 127 -11.33 7.91 9.83
N GLU A 128 -11.45 9.05 10.51
CA GLU A 128 -12.68 9.82 10.48
C GLU A 128 -13.01 10.24 9.08
N ASP A 129 -12.01 10.61 8.28
CA ASP A 129 -12.28 10.97 6.90
C ASP A 129 -12.85 9.80 6.13
N TYR A 130 -12.32 8.58 6.37
CA TYR A 130 -12.80 7.43 5.62
C TYR A 130 -14.22 7.05 6.04
N LEU A 131 -14.53 7.13 7.33
CA LEU A 131 -15.83 6.75 7.85
C LEU A 131 -16.90 7.82 7.74
N GLY A 132 -16.52 9.08 7.48
CA GLY A 132 -17.49 10.18 7.51
C GLY A 132 -18.17 10.38 8.85
N GLU A 133 -17.56 9.92 9.93
CA GLU A 133 -18.12 9.96 11.28
C GLU A 133 -16.97 10.17 12.27
N PRO A 134 -17.29 10.56 13.49
CA PRO A 134 -16.22 10.70 14.50
C PRO A 134 -15.74 9.34 14.98
N VAL A 135 -14.44 9.27 15.24
CA VAL A 135 -13.79 8.10 15.82
C VAL A 135 -13.15 8.52 17.12
N THR A 136 -13.43 7.80 18.19
CA THR A 136 -12.76 8.06 19.46
C THR A 136 -12.22 6.84 20.19
N GLU A 137 -12.36 5.64 19.64
CA GLU A 137 -11.90 4.44 20.36
C GLU A 137 -10.80 3.81 19.52
N ALA A 138 -9.75 3.35 20.20
CA ALA A 138 -8.60 2.82 19.48
C ALA A 138 -7.93 1.72 20.29
N VAL A 139 -7.35 0.78 19.54
CA VAL A 139 -6.37 -0.19 20.03
C VAL A 139 -5.02 0.32 19.56
N ILE A 140 -4.08 0.55 20.49
CA ILE A 140 -2.77 1.08 20.13
C ILE A 140 -1.70 0.04 20.48
N THR A 141 -0.73 -0.12 19.61
CA THR A 141 0.27 -1.15 19.83
C THR A 141 1.56 -0.57 20.41
N VAL A 142 2.30 -1.42 21.10
CA VAL A 142 3.63 -1.09 21.62
C VAL A 142 4.57 -2.24 21.43
N PRO A 143 5.88 -1.99 21.42
CA PRO A 143 6.85 -3.07 21.42
C PRO A 143 6.60 -3.96 22.62
N ALA A 144 6.90 -5.25 22.47
CA ALA A 144 6.70 -6.19 23.56
C ALA A 144 7.61 -5.90 24.74
N TYR A 145 8.73 -5.22 24.51
CA TYR A 145 9.66 -4.86 25.58
C TYR A 145 9.26 -3.61 26.36
N PHE A 146 8.18 -2.92 25.99
CA PHE A 146 7.79 -1.74 26.76
C PHE A 146 7.38 -2.11 28.17
N ASN A 147 7.79 -1.25 29.13
CA ASN A 147 7.42 -1.39 30.54
C ASN A 147 6.13 -0.62 30.84
N ASP A 148 5.76 -0.54 32.12
CA ASP A 148 4.49 0.12 32.46
C ASP A 148 4.52 1.59 32.10
N ALA A 149 5.63 2.26 32.40
CA ALA A 149 5.68 3.70 32.16
C ALA A 149 5.63 4.00 30.67
N GLN A 150 6.31 3.20 29.87
CA GLN A 150 6.21 3.34 28.42
C GLN A 150 4.79 3.09 27.94
N ARG A 151 4.14 2.06 28.46
CA ARG A 151 2.77 1.82 28.06
C ARG A 151 1.84 2.93 28.52
N GLN A 152 1.96 3.34 29.79
CA GLN A 152 1.06 4.38 30.28
C GLN A 152 1.22 5.66 29.48
N ALA A 153 2.45 6.06 29.21
CA ALA A 153 2.70 7.24 28.39
C ALA A 153 2.13 7.08 26.99
N THR A 154 2.18 5.88 26.43
CA THR A 154 1.52 5.68 25.14
C THR A 154 0.02 5.84 25.26
N LYS A 155 -0.56 5.34 26.36
CA LYS A 155 -1.98 5.57 26.62
C LYS A 155 -2.26 7.07 26.72
N ASP A 156 -1.37 7.82 27.38
CA ASP A 156 -1.52 9.27 27.48
C ASP A 156 -1.54 9.92 26.11
N ALA A 157 -0.58 9.59 25.27
CA ALA A 157 -0.59 10.14 23.93
C ALA A 157 -1.90 9.84 23.23
N GLY A 158 -2.47 8.67 23.51
CA GLY A 158 -3.76 8.35 22.94
C GLY A 158 -4.82 9.32 23.41
N ARG A 159 -4.86 9.59 24.72
CA ARG A 159 -5.90 10.47 25.24
C ARG A 159 -5.74 11.89 24.73
N ILE A 160 -4.51 12.41 24.81
CA ILE A 160 -4.15 13.71 24.28
C ILE A 160 -4.55 13.83 22.83
N ALA A 161 -4.60 12.71 22.11
CA ALA A 161 -5.03 12.75 20.73
C ALA A 161 -6.54 12.71 20.61
N GLY A 162 -7.23 12.58 21.74
CA GLY A 162 -8.68 12.52 21.73
C GLY A 162 -9.23 11.13 21.55
N LEU A 163 -8.51 10.10 22.00
CA LEU A 163 -8.89 8.71 21.79
C LEU A 163 -9.20 8.06 23.12
N GLU A 164 -10.30 7.29 23.18
CA GLU A 164 -10.43 6.32 24.24
C GLU A 164 -9.57 5.11 23.88
N VAL A 165 -8.58 4.84 24.71
CA VAL A 165 -7.62 3.76 24.47
C VAL A 165 -8.26 2.51 25.07
N LYS A 166 -9.02 1.78 24.23
CA LYS A 166 -9.65 0.55 24.70
C LYS A 166 -8.62 -0.50 25.10
N CYS A 167 -7.49 -0.54 24.38
CA CYS A 167 -6.52 -1.60 24.58
C CYS A 167 -5.15 -1.15 24.08
N ILE A 168 -4.11 -1.58 24.80
CA ILE A 168 -2.72 -1.58 24.35
C ILE A 168 -2.30 -3.03 24.13
N ILE A 169 -1.85 -3.40 22.93
CA ILE A 169 -1.38 -4.76 22.73
C ILE A 169 0.02 -4.73 22.13
N ASN A 170 0.73 -5.83 22.34
CA ASN A 170 2.10 -5.90 21.84
CA ASN A 170 2.11 -5.94 21.84
C ASN A 170 2.12 -6.10 20.33
N GLU A 171 3.10 -5.47 19.69
CA GLU A 171 3.18 -5.48 18.23
C GLU A 171 3.26 -6.88 17.64
N PRO A 172 4.10 -7.77 18.14
CA PRO A 172 4.12 -9.12 17.54
C PRO A 172 2.80 -9.85 17.69
N THR A 173 2.10 -9.63 18.78
CA THR A 173 0.79 -10.22 18.97
C THR A 173 -0.18 -9.70 17.92
N ALA A 174 -0.13 -8.40 17.64
CA ALA A 174 -0.96 -7.85 16.57
C ALA A 174 -0.66 -8.55 15.26
N ALA A 175 0.61 -8.67 14.91
CA ALA A 175 0.95 -9.29 13.64
C ALA A 175 0.41 -10.70 13.57
N ALA A 176 0.45 -11.39 14.70
CA ALA A 176 -0.04 -12.76 14.75
C ALA A 176 -1.55 -12.80 14.51
N LEU A 177 -2.28 -11.83 15.07
CA LEU A 177 -3.71 -11.76 14.79
C LEU A 177 -3.94 -11.51 13.32
N ALA A 178 -3.13 -10.68 12.68
CA ALA A 178 -3.28 -10.45 11.26
C ALA A 178 -3.09 -11.74 10.49
N TYR A 179 -1.99 -12.44 10.76
CA TYR A 179 -1.71 -13.69 10.07
C TYR A 179 -2.82 -14.70 10.35
N GLY A 180 -3.31 -14.74 11.58
CA GLY A 180 -4.27 -15.74 12.00
C GLY A 180 -5.64 -15.57 11.39
N LEU A 181 -5.85 -14.48 10.62
CA LEU A 181 -7.05 -14.34 9.77
C LEU A 181 -7.05 -15.30 8.60
N ASP A 182 -5.89 -15.65 8.07
CA ASP A 182 -5.85 -16.60 6.98
C ASP A 182 -6.41 -17.95 7.44
N LYS A 183 -6.90 -18.73 6.48
CA LYS A 183 -7.38 -20.06 6.78
C LYS A 183 -6.24 -21.07 6.83
N GLY A 184 -6.44 -22.12 7.64
CA GLY A 184 -5.48 -23.15 7.89
C GLY A 184 -4.39 -22.79 8.86
N THR A 185 -4.50 -21.64 9.55
CA THR A 185 -3.45 -21.20 10.47
C THR A 185 -3.65 -21.68 11.89
N GLY A 186 -4.76 -22.35 12.20
CA GLY A 186 -5.00 -22.81 13.56
C GLY A 186 -4.15 -24.03 13.93
N ASN A 187 -3.81 -24.10 15.21
CA ASN A 187 -3.00 -25.17 15.79
C ASN A 187 -1.60 -25.21 15.17
N ARG A 188 -0.94 -24.09 15.33
CA ARG A 188 0.38 -23.83 14.78
C ARG A 188 1.13 -22.97 15.79
N THR A 189 2.46 -23.12 15.79
CA THR A 189 3.34 -22.20 16.47
C THR A 189 4.03 -21.31 15.43
N ILE A 190 4.06 -20.00 15.68
CA ILE A 190 4.75 -19.13 14.73
C ILE A 190 5.85 -18.36 15.44
N ALA A 191 6.86 -17.97 14.67
CA ALA A 191 7.89 -17.04 15.09
C ALA A 191 7.63 -15.72 14.39
N VAL A 192 7.52 -14.66 15.16
CA VAL A 192 7.35 -13.31 14.65
C VAL A 192 8.68 -12.58 14.82
N TYR A 193 9.36 -12.35 13.70
CA TYR A 193 10.67 -11.70 13.66
C TYR A 193 10.42 -10.27 13.23
N ASP A 194 10.52 -9.33 14.16
CA ASP A 194 10.15 -7.92 13.91
C ASP A 194 11.39 -7.01 13.96
N LEU A 195 11.85 -6.60 12.81
CA LEU A 195 12.98 -5.67 12.68
C LEU A 195 12.43 -4.35 12.14
N GLY A 196 12.15 -3.41 13.04
CA GLY A 196 11.68 -2.10 12.68
C GLY A 196 12.78 -1.04 12.72
N GLY A 197 12.35 0.21 12.70
CA GLY A 197 13.28 1.33 12.78
C GLY A 197 13.92 1.51 14.14
N GLY A 198 13.19 1.16 15.21
CA GLY A 198 13.69 1.43 16.54
C GLY A 198 14.30 0.23 17.23
N ALA A 199 13.92 -0.98 16.88
CA ALA A 199 14.38 -2.13 17.63
C ALA A 199 14.07 -3.41 16.87
N PHE A 200 14.70 -4.48 17.34
CA PHE A 200 14.42 -5.87 16.98
C PHE A 200 13.64 -6.53 18.10
N ASP A 201 12.58 -7.23 17.73
CA ASP A 201 11.74 -7.99 18.64
C ASP A 201 11.48 -9.35 18.02
N ILE A 202 11.50 -10.39 18.84
CA ILE A 202 11.10 -11.73 18.44
C ILE A 202 10.08 -12.24 19.44
N SER A 203 9.00 -12.79 18.93
CA SER A 203 8.01 -13.45 19.75
C SER A 203 7.64 -14.79 19.14
N ILE A 204 7.42 -15.74 20.04
CA ILE A 204 6.97 -17.07 19.69
C ILE A 204 5.54 -17.13 20.17
N ILE A 205 4.61 -17.40 19.25
CA ILE A 205 3.19 -17.30 19.55
C ILE A 205 2.48 -18.58 19.10
N GLU A 206 1.64 -19.13 19.98
CA GLU A 206 0.82 -20.30 19.67
C GLU A 206 -0.55 -19.84 19.19
N ILE A 207 -0.96 -20.34 18.02
CA ILE A 207 -2.31 -20.16 17.48
C ILE A 207 -2.98 -21.52 17.52
N ASP A 208 -3.91 -21.66 18.43
CA ASP A 208 -4.62 -22.93 18.60
C ASP A 208 -6.07 -22.74 18.21
N GLU A 209 -6.70 -23.84 17.83
CA GLU A 209 -8.10 -23.79 17.46
C GLU A 209 -8.79 -24.98 18.09
N VAL A 210 -9.72 -24.69 18.97
CA VAL A 210 -10.42 -25.68 19.76
C VAL A 210 -11.88 -25.26 19.84
N ASP A 211 -12.79 -26.17 19.47
CA ASP A 211 -14.23 -25.94 19.56
C ASP A 211 -14.61 -24.63 18.86
N GLY A 212 -14.06 -24.43 17.66
CA GLY A 212 -14.35 -23.26 16.87
C GLY A 212 -13.60 -21.99 17.27
N GLU A 213 -13.06 -21.94 18.50
CA GLU A 213 -12.37 -20.76 19.00
C GLU A 213 -10.88 -20.79 18.64
N LYS A 214 -10.42 -19.74 18.01
CA LYS A 214 -9.00 -19.55 17.74
C LYS A 214 -8.41 -18.67 18.82
N THR A 215 -7.41 -19.20 19.52
CA THR A 215 -6.71 -18.52 20.61
C THR A 215 -5.27 -18.19 20.23
N PHE A 216 -4.78 -17.10 20.81
CA PHE A 216 -3.45 -16.57 20.52
C PHE A 216 -2.72 -16.39 21.85
N GLU A 217 -1.58 -17.05 22.01
CA GLU A 217 -0.89 -17.00 23.30
C GLU A 217 0.61 -16.82 23.09
N VAL A 218 1.20 -15.84 23.77
CA VAL A 218 2.64 -15.58 23.69
C VAL A 218 3.38 -16.62 24.53
N LEU A 219 4.31 -17.34 23.88
CA LEU A 219 5.13 -18.33 24.57
C LEU A 219 6.51 -17.81 24.92
N ALA A 220 7.01 -16.83 24.18
CA ALA A 220 8.27 -16.22 24.55
C ALA A 220 8.40 -14.89 23.82
N THR A 221 9.15 -13.98 24.42
CA THR A 221 9.45 -12.74 23.75
C THR A 221 10.80 -12.22 24.22
N ASN A 222 11.57 -11.65 23.28
CA ASN A 222 12.55 -10.66 23.68
C ASN A 222 13.06 -9.96 22.42
N GLY A 223 14.30 -9.51 22.39
CA GLY A 223 14.76 -8.65 21.32
C GLY A 223 15.99 -7.86 21.75
N ASP A 224 16.10 -6.66 21.19
CA ASP A 224 17.23 -5.76 21.36
C ASP A 224 16.99 -4.37 20.77
N THR A 225 16.96 -3.34 21.60
CA THR A 225 16.72 -2.01 21.04
C THR A 225 17.95 -1.41 20.27
N HIS A 226 19.05 -2.15 20.06
CA HIS A 226 20.23 -1.64 19.38
C HIS A 226 20.40 -2.23 17.99
N LEU A 227 19.40 -2.95 17.51
CA LEU A 227 19.51 -3.67 16.25
C LEU A 227 18.50 -3.18 15.23
N GLY A 228 17.89 -2.02 15.49
CA GLY A 228 16.91 -1.45 14.59
C GLY A 228 17.52 -0.79 13.35
N GLY A 229 16.64 -0.48 12.40
CA GLY A 229 17.05 0.06 11.13
C GLY A 229 17.82 1.36 11.28
N GLU A 230 17.59 2.11 12.36
CA GLU A 230 18.38 3.32 12.57
C GLU A 230 19.84 2.97 12.84
N ASP A 231 20.09 1.82 13.46
CA ASP A 231 21.45 1.33 13.62
C ASP A 231 22.05 0.87 12.31
N PHE A 232 21.24 0.28 11.42
CA PHE A 232 21.73 0.02 10.06
C PHE A 232 22.14 1.33 9.38
N ASP A 233 21.28 2.34 9.46
CA ASP A 233 21.57 3.63 8.88
C ASP A 233 22.90 4.18 9.40
N SER A 234 23.13 4.06 10.70
CA SER A 234 24.32 4.69 11.30
C SER A 234 25.62 4.10 10.74
N ARG A 235 25.66 2.80 10.49
N ARG A 235 25.66 2.80 10.48
CA ARG A 235 26.84 2.19 9.89
CA ARG A 235 26.84 2.20 9.88
C ARG A 235 27.13 2.75 8.50
C ARG A 235 27.14 2.78 8.51
N LEU A 236 26.10 3.05 7.71
CA LEU A 236 26.32 3.56 6.37
C LEU A 236 26.68 5.05 6.41
N ILE A 237 26.06 5.80 7.32
CA ILE A 237 26.45 7.19 7.56
C ILE A 237 27.93 7.26 7.93
N ASN A 238 28.36 6.41 8.86
CA ASN A 238 29.76 6.47 9.29
C ASN A 238 30.67 6.16 8.12
N TYR A 239 30.27 5.21 7.28
CA TYR A 239 31.07 4.91 6.11
C TYR A 239 31.06 6.08 5.13
N LEU A 240 29.91 6.74 4.93
CA LEU A 240 29.91 7.91 4.06
C LEU A 240 30.74 9.06 4.63
N VAL A 241 30.74 9.26 5.95
CA VAL A 241 31.59 10.29 6.54
C VAL A 241 33.05 9.97 6.28
N GLU A 242 33.44 8.71 6.52
CA GLU A 242 34.84 8.35 6.41
C GLU A 242 35.28 8.39 4.98
N GLU A 243 34.41 8.03 4.05
CA GLU A 243 34.78 8.08 2.65
C GLU A 243 34.92 9.51 2.18
N PHE A 244 34.02 10.41 2.59
CA PHE A 244 34.18 11.80 2.22
C PHE A 244 35.46 12.39 2.80
N LYS A 245 35.86 11.97 4.01
CA LYS A 245 37.17 12.39 4.54
C LYS A 245 38.29 11.89 3.66
N LYS A 246 38.24 10.61 3.29
CA LYS A 246 39.27 10.04 2.43
C LYS A 246 39.29 10.74 1.08
N ASP A 247 38.13 11.03 0.51
CA ASP A 247 38.09 11.61 -0.84
C ASP A 247 38.55 13.06 -0.81
N GLN A 248 38.12 13.81 0.21
CA GLN A 248 38.31 15.26 0.20
C GLN A 248 38.80 15.83 1.51
N GLY A 249 39.11 15.01 2.51
CA GLY A 249 39.76 15.53 3.69
C GLY A 249 38.90 16.40 4.57
N ILE A 250 37.59 16.36 4.41
CA ILE A 250 36.66 17.12 5.24
C ILE A 250 35.83 16.15 6.06
N ASP A 251 35.71 16.44 7.37
CA ASP A 251 34.94 15.66 8.33
C ASP A 251 33.59 16.34 8.50
N LEU A 252 32.53 15.72 7.99
CA LEU A 252 31.21 16.36 7.98
C LEU A 252 30.54 16.37 9.34
N ARG A 253 31.11 15.73 10.35
CA ARG A 253 30.34 15.49 11.57
C ARG A 253 30.03 16.78 12.34
N ASN A 254 30.87 17.79 12.27
CA ASN A 254 30.56 19.04 12.96
C ASN A 254 29.63 19.98 12.19
N ASP A 255 29.07 19.53 11.05
CA ASP A 255 28.22 20.35 10.20
C ASP A 255 26.82 19.76 10.25
N PRO A 256 25.94 20.27 11.11
CA PRO A 256 24.63 19.63 11.30
C PRO A 256 23.77 19.51 10.06
N LEU A 257 23.67 20.56 9.24
CA LEU A 257 22.86 20.49 8.03
C LEU A 257 23.37 19.40 7.10
N ALA A 258 24.68 19.32 6.94
CA ALA A 258 25.24 18.26 6.11
C ALA A 258 24.92 16.87 6.69
N MET A 259 25.02 16.71 8.02
CA MET A 259 24.76 15.42 8.62
C MET A 259 23.29 15.06 8.45
N GLN A 260 22.39 16.04 8.51
CA GLN A 260 20.97 15.78 8.30
C GLN A 260 20.73 15.29 6.86
N ARG A 261 21.32 15.97 5.88
CA ARG A 261 21.19 15.52 4.48
C ARG A 261 21.80 14.15 4.29
N LEU A 262 22.93 13.90 4.93
CA LEU A 262 23.63 12.64 4.81
C LEU A 262 22.83 11.49 5.44
N LYS A 263 22.14 11.75 6.56
CA LYS A 263 21.30 10.73 7.20
C LYS A 263 20.18 10.28 6.27
N GLU A 264 19.47 11.23 5.66
CA GLU A 264 18.35 10.90 4.77
C GLU A 264 18.84 10.18 3.53
N ALA A 265 19.94 10.64 2.96
CA ALA A 265 20.49 10.00 1.78
C ALA A 265 20.91 8.58 2.09
N ALA A 266 21.48 8.36 3.27
CA ALA A 266 21.92 7.02 3.66
C ALA A 266 20.74 6.07 3.79
N GLU A 267 19.65 6.56 4.36
CA GLU A 267 18.52 5.68 4.51
C GLU A 267 17.96 5.32 3.16
N LYS A 268 17.89 6.30 2.25
CA LYS A 268 17.35 6.05 0.95
C LYS A 268 18.24 5.10 0.19
N ALA A 269 19.56 5.26 0.32
CA ALA A 269 20.47 4.32 -0.32
C ALA A 269 20.32 2.91 0.26
N LYS A 270 20.25 2.79 1.59
CA LYS A 270 20.01 1.48 2.20
C LYS A 270 18.76 0.84 1.57
N ILE A 271 17.67 1.60 1.49
CA ILE A 271 16.44 1.06 0.98
C ILE A 271 16.63 0.60 -0.46
N GLU A 272 17.24 1.44 -1.30
CA GLU A 272 17.45 1.13 -2.71
C GLU A 272 18.27 -0.15 -2.88
N LEU A 273 19.21 -0.39 -1.98
CA LEU A 273 20.06 -1.57 -2.07
C LEU A 273 19.36 -2.87 -1.68
N SER A 274 18.11 -2.81 -1.22
CA SER A 274 17.33 -4.04 -1.11
C SER A 274 16.77 -4.47 -2.46
N SER A 275 16.73 -3.57 -3.42
CA SER A 275 16.25 -3.85 -4.78
C SER A 275 17.38 -3.93 -5.79
N ALA A 276 18.43 -3.11 -5.64
CA ALA A 276 19.52 -3.02 -6.60
C ALA A 276 20.82 -3.52 -5.98
N GLN A 277 21.81 -3.77 -6.85
CA GLN A 277 23.15 -4.21 -6.45
C GLN A 277 24.11 -3.07 -6.17
N GLN A 278 23.75 -1.86 -6.56
CA GLN A 278 24.54 -0.67 -6.28
C GLN A 278 23.63 0.54 -6.33
N THR A 279 24.14 1.65 -5.79
CA THR A 279 23.42 2.90 -5.77
C THR A 279 24.44 4.01 -5.63
N ASP A 280 24.00 5.22 -5.88
CA ASP A 280 24.89 6.37 -5.89
C ASP A 280 24.32 7.40 -4.92
N VAL A 281 25.13 7.82 -3.94
CA VAL A 281 24.77 8.89 -3.01
C VAL A 281 25.31 10.20 -3.57
N ASN A 282 24.40 11.08 -4.00
CA ASN A 282 24.76 12.30 -4.74
C ASN A 282 24.21 13.52 -3.99
N LEU A 283 25.08 14.27 -3.32
CA LEU A 283 24.66 15.39 -2.48
C LEU A 283 25.46 16.63 -2.85
N PRO A 284 24.96 17.45 -3.78
CA PRO A 284 25.71 18.65 -4.16
C PRO A 284 25.59 19.72 -3.09
N TYR A 285 26.63 20.53 -2.99
CA TYR A 285 26.63 21.64 -2.05
C TYR A 285 26.41 21.13 -0.62
N ILE A 286 27.11 20.05 -0.28
CA ILE A 286 26.96 19.43 1.02
C ILE A 286 27.69 20.24 2.09
N THR A 287 28.76 20.93 1.72
CA THR A 287 29.49 21.81 2.64
C THR A 287 30.33 22.76 1.76
N ALA A 288 31.15 23.57 2.41
CA ALA A 288 32.05 24.51 1.74
C ALA A 288 33.23 24.76 2.66
N ASP A 289 34.37 25.05 2.07
CA ASP A 289 35.50 25.50 2.86
C ASP A 289 36.04 26.80 2.24
N ALA A 290 37.25 27.20 2.61
CA ALA A 290 37.75 28.47 2.10
C ALA A 290 37.86 28.47 0.58
N THR A 291 37.91 27.31 -0.04
CA THR A 291 38.09 27.23 -1.49
C THR A 291 36.79 27.09 -2.26
N GLY A 292 35.65 27.16 -1.59
CA GLY A 292 34.40 27.09 -2.29
C GLY A 292 33.59 25.86 -1.93
N PRO A 293 32.49 25.65 -2.65
CA PRO A 293 31.58 24.56 -2.32
C PRO A 293 32.19 23.18 -2.60
N LYS A 294 31.67 22.18 -1.89
CA LYS A 294 32.12 20.79 -1.97
C LYS A 294 30.92 19.88 -2.18
N HIS A 295 31.13 18.78 -2.89
CA HIS A 295 30.06 17.92 -3.38
C HIS A 295 30.39 16.46 -3.13
N MET A 296 29.39 15.70 -2.72
CA MET A 296 29.55 14.28 -2.46
C MET A 296 28.98 13.49 -3.63
N ASN A 297 29.73 12.50 -4.07
CA ASN A 297 29.20 11.51 -4.99
C ASN A 297 29.95 10.21 -4.69
N ILE A 298 29.25 9.28 -4.06
CA ILE A 298 29.85 8.08 -3.52
C ILE A 298 28.96 6.92 -3.93
N LYS A 299 29.55 5.94 -4.59
CA LYS A 299 28.85 4.73 -4.99
C LYS A 299 28.94 3.70 -3.87
N VAL A 300 27.82 3.05 -3.58
CA VAL A 300 27.76 2.01 -2.58
C VAL A 300 27.15 0.78 -3.20
N THR A 301 27.89 -0.34 -3.17
CA THR A 301 27.37 -1.63 -3.57
C THR A 301 26.64 -2.31 -2.42
N ARG A 302 25.77 -3.23 -2.79
CA ARG A 302 25.10 -4.08 -1.82
C ARG A 302 26.09 -4.87 -1.00
N ALA A 303 27.13 -5.43 -1.62
CA ALA A 303 28.08 -6.22 -0.85
C ALA A 303 28.73 -5.36 0.22
N LYS A 304 29.04 -4.10 -0.12
CA LYS A 304 29.61 -3.19 0.87
C LYS A 304 28.64 -2.93 2.01
N LEU A 305 27.36 -2.69 1.68
CA LEU A 305 26.37 -2.52 2.74
C LEU A 305 26.29 -3.76 3.60
N GLU A 306 26.23 -4.93 2.97
CA GLU A 306 26.13 -6.19 3.74
C GLU A 306 27.31 -6.35 4.67
N SER A 307 28.49 -5.95 4.20
CA SER A 307 29.67 -5.98 5.04
C SER A 307 29.54 -5.03 6.21
N LEU A 308 28.89 -3.89 6.01
CA LEU A 308 28.79 -2.89 7.07
C LEU A 308 27.83 -3.28 8.18
N VAL A 309 26.82 -4.10 7.89
CA VAL A 309 25.77 -4.41 8.84
C VAL A 309 25.70 -5.89 9.18
N GLU A 310 26.64 -6.67 8.67
CA GLU A 310 26.66 -8.10 8.91
C GLU A 310 26.55 -8.42 10.39
N ASP A 311 27.30 -7.70 11.24
CA ASP A 311 27.28 -8.03 12.65
C ASP A 311 25.94 -7.69 13.28
N LEU A 312 25.25 -6.66 12.77
CA LEU A 312 23.92 -6.36 13.28
C LEU A 312 22.94 -7.48 12.98
N VAL A 313 22.99 -8.01 11.78
CA VAL A 313 22.06 -9.08 11.41
C VAL A 313 22.36 -10.32 12.23
N ASN A 314 23.65 -10.66 12.40
CA ASN A 314 24.02 -11.86 13.16
C ASN A 314 23.64 -11.75 14.63
N ARG A 315 23.72 -10.55 15.21
CA ARG A 315 23.29 -10.34 16.58
C ARG A 315 21.79 -10.56 16.79
N SER A 316 20.97 -10.56 15.74
CA SER A 316 19.56 -10.90 15.93
C SER A 316 19.34 -12.39 16.15
N ILE A 317 20.35 -13.23 15.90
CA ILE A 317 20.13 -14.67 15.98
C ILE A 317 20.08 -15.12 17.43
N GLU A 318 20.91 -14.52 18.27
CA GLU A 318 21.00 -14.98 19.65
C GLU A 318 19.69 -14.76 20.41
N PRO A 319 19.00 -13.62 20.27
CA PRO A 319 17.69 -13.50 20.90
C PRO A 319 16.69 -14.52 20.40
N LEU A 320 16.79 -14.96 19.14
CA LEU A 320 15.91 -16.04 18.68
C LEU A 320 16.18 -17.32 19.45
N LYS A 321 17.45 -17.66 19.64
CA LYS A 321 17.76 -18.86 20.37
C LYS A 321 17.24 -18.78 21.79
N VAL A 322 17.40 -17.62 22.45
CA VAL A 322 16.88 -17.49 23.83
C VAL A 322 15.36 -17.65 23.85
N ALA A 323 14.68 -17.01 22.90
CA ALA A 323 13.22 -17.09 22.85
C ALA A 323 12.73 -18.53 22.74
N LEU A 324 13.38 -19.33 21.89
CA LEU A 324 13.03 -20.76 21.79
C LEU A 324 13.31 -21.52 23.09
N GLN A 325 14.46 -21.26 23.73
CA GLN A 325 14.74 -21.89 25.02
C GLN A 325 13.67 -21.55 26.03
N ASP A 326 13.25 -20.28 26.06
CA ASP A 326 12.28 -19.84 27.05
C ASP A 326 10.89 -20.38 26.76
N ALA A 327 10.58 -20.70 25.53
CA ALA A 327 9.31 -21.38 25.23
C ALA A 327 9.41 -22.91 25.33
N GLY A 328 10.60 -23.43 25.58
CA GLY A 328 10.80 -24.88 25.59
C GLY A 328 10.67 -25.56 24.24
N LEU A 329 10.93 -24.86 23.14
CA LEU A 329 10.70 -25.37 21.80
C LEU A 329 12.00 -25.51 20.98
N SER A 330 11.93 -26.40 20.00
CA SER A 330 12.93 -26.51 18.94
C SER A 330 12.46 -25.71 17.73
N VAL A 331 13.39 -25.41 16.83
CA VAL A 331 13.09 -24.90 15.52
C VAL A 331 12.08 -25.78 14.82
N SER A 332 12.15 -27.10 15.05
CA SER A 332 11.25 -28.00 14.35
C SER A 332 9.81 -27.85 14.79
N ASP A 333 9.55 -27.14 15.90
CA ASP A 333 8.20 -26.85 16.39
C ASP A 333 7.58 -25.58 15.76
N ILE A 334 8.36 -24.79 15.05
CA ILE A 334 7.87 -23.54 14.45
C ILE A 334 7.29 -23.88 13.07
N ASP A 335 5.98 -23.71 12.95
CA ASP A 335 5.27 -24.06 11.73
C ASP A 335 5.37 -22.94 10.68
N ASP A 336 5.51 -21.69 11.10
CA ASP A 336 5.67 -20.57 10.20
C ASP A 336 6.47 -19.47 10.83
N VAL A 337 7.19 -18.74 9.96
CA VAL A 337 7.99 -17.58 10.30
C VAL A 337 7.37 -16.37 9.59
N ILE A 338 7.11 -15.33 10.36
CA ILE A 338 6.47 -14.10 9.92
C ILE A 338 7.48 -12.98 10.06
N LEU A 339 7.81 -12.32 8.97
CA LEU A 339 8.64 -11.14 9.02
C LEU A 339 7.75 -9.92 9.19
N VAL A 340 8.09 -9.07 10.15
CA VAL A 340 7.43 -7.79 10.35
C VAL A 340 8.49 -6.73 10.36
N GLY A 341 8.18 -5.57 9.81
CA GLY A 341 9.12 -4.47 9.84
C GLY A 341 9.83 -4.20 8.53
N GLY A 342 9.98 -2.92 8.20
CA GLY A 342 10.56 -2.55 6.91
C GLY A 342 11.97 -3.04 6.68
N GLN A 343 12.75 -3.18 7.77
CA GLN A 343 14.15 -3.57 7.71
C GLN A 343 14.32 -5.07 7.41
N THR A 344 13.25 -5.87 7.56
CA THR A 344 13.28 -7.25 7.10
C THR A 344 13.25 -7.38 5.58
N ARG A 345 13.04 -6.30 4.85
CA ARG A 345 13.06 -6.37 3.40
C ARG A 345 14.49 -6.44 2.85
N MET A 346 15.49 -6.26 3.69
CA MET A 346 16.85 -6.45 3.27
C MET A 346 17.10 -7.92 2.93
N PRO A 347 17.57 -8.24 1.72
CA PRO A 347 17.73 -9.67 1.36
C PRO A 347 18.59 -10.46 2.34
N MET A 348 19.66 -9.86 2.84
CA MET A 348 20.50 -10.56 3.78
C MET A 348 19.73 -10.95 5.03
N VAL A 349 18.82 -10.09 5.51
CA VAL A 349 18.05 -10.44 6.70
C VAL A 349 17.16 -11.64 6.40
N GLN A 350 16.43 -11.58 5.27
CA GLN A 350 15.54 -12.68 4.88
C GLN A 350 16.29 -14.00 4.81
N LYS A 351 17.49 -14.00 4.22
CA LYS A 351 18.23 -15.25 4.05
C LYS A 351 18.71 -15.79 5.38
N LYS A 352 19.19 -14.92 6.28
CA LYS A 352 19.66 -15.37 7.59
C LYS A 352 18.52 -15.99 8.39
N VAL A 353 17.33 -15.40 8.30
CA VAL A 353 16.18 -15.92 9.05
C VAL A 353 15.74 -17.27 8.49
N ALA A 354 15.65 -17.35 7.16
CA ALA A 354 15.30 -18.61 6.49
C ALA A 354 16.34 -19.69 6.79
N GLU A 355 17.62 -19.31 6.87
CA GLU A 355 18.66 -20.27 7.25
C GLU A 355 18.46 -20.79 8.67
N PHE A 356 18.15 -19.90 9.61
CA PHE A 356 18.03 -20.31 11.00
C PHE A 356 16.87 -21.26 11.19
N PHE A 357 15.72 -20.90 10.65
CA PHE A 357 14.51 -21.69 10.84
C PHE A 357 14.43 -22.84 9.85
N GLY A 358 15.26 -22.85 8.81
CA GLY A 358 15.17 -23.89 7.81
C GLY A 358 13.92 -23.82 6.97
N LYS A 359 13.29 -22.66 6.86
CA LYS A 359 12.12 -22.56 6.02
C LYS A 359 11.98 -21.10 5.67
N GLU A 360 11.32 -20.87 4.55
CA GLU A 360 11.10 -19.54 4.00
C GLU A 360 10.02 -18.84 4.80
N PRO A 361 10.23 -17.58 5.19
CA PRO A 361 9.17 -16.81 5.83
C PRO A 361 7.92 -16.78 4.95
N ARG A 362 6.76 -16.67 5.58
CA ARG A 362 5.52 -16.53 4.85
C ARG A 362 5.57 -15.24 4.06
N LYS A 363 4.96 -15.27 2.88
CA LYS A 363 5.03 -14.16 1.94
C LYS A 363 3.73 -13.39 1.86
N ASP A 364 2.66 -13.91 2.47
CA ASP A 364 1.34 -13.29 2.41
C ASP A 364 1.06 -12.41 3.63
N VAL A 365 2.10 -11.97 4.32
CA VAL A 365 1.98 -11.06 5.47
C VAL A 365 2.75 -9.80 5.13
N ASN A 366 2.10 -8.68 5.24
CA ASN A 366 2.70 -7.42 4.82
C ASN A 366 3.49 -6.83 5.98
N PRO A 367 4.80 -6.69 5.88
CA PRO A 367 5.57 -6.34 7.07
C PRO A 367 5.39 -4.91 7.50
N ASP A 368 4.83 -4.05 6.66
CA ASP A 368 4.55 -2.67 7.03
C ASP A 368 3.18 -2.51 7.64
N GLU A 369 2.25 -3.45 7.41
CA GLU A 369 0.84 -3.25 7.73
C GLU A 369 0.27 -4.26 8.71
N ALA A 370 0.94 -5.38 8.93
CA ALA A 370 0.36 -6.43 9.77
C ALA A 370 0.08 -5.98 11.19
N VAL A 371 0.90 -5.08 11.74
CA VAL A 371 0.68 -4.71 13.13
C VAL A 371 -0.59 -3.91 13.26
N ALA A 372 -0.79 -2.94 12.37
CA ALA A 372 -2.01 -2.14 12.32
C ALA A 372 -3.21 -3.02 12.02
N ILE A 373 -3.06 -3.99 11.12
CA ILE A 373 -4.18 -4.90 10.84
C ILE A 373 -4.58 -5.66 12.11
N GLY A 374 -3.60 -6.24 12.81
CA GLY A 374 -3.95 -7.01 13.99
C GLY A 374 -4.57 -6.16 15.08
N ALA A 375 -4.08 -4.94 15.26
CA ALA A 375 -4.72 -4.05 16.20
C ALA A 375 -6.19 -3.85 15.84
N ALA A 376 -6.49 -3.69 14.54
CA ALA A 376 -7.88 -3.57 14.13
C ALA A 376 -8.67 -4.84 14.46
N VAL A 377 -8.05 -6.01 14.27
CA VAL A 377 -8.71 -7.28 14.61
C VAL A 377 -9.09 -7.29 16.08
N GLN A 378 -8.14 -6.94 16.97
CA GLN A 378 -8.46 -6.85 18.39
C GLN A 378 -9.56 -5.84 18.66
N GLY A 379 -9.60 -4.75 17.88
CA GLY A 379 -10.71 -3.81 17.98
C GLY A 379 -12.05 -4.46 17.70
N GLY A 380 -12.13 -5.20 16.58
CA GLY A 380 -13.33 -5.95 16.25
C GLY A 380 -13.69 -7.03 17.26
N VAL A 381 -12.70 -7.66 17.88
CA VAL A 381 -13.01 -8.58 18.95
C VAL A 381 -13.77 -7.87 20.07
N LEU A 382 -13.32 -6.66 20.42
CA LEU A 382 -13.94 -5.94 21.53
C LEU A 382 -15.31 -5.40 21.18
N THR A 383 -15.58 -5.10 19.91
CA THR A 383 -16.91 -4.68 19.51
C THR A 383 -17.85 -5.84 19.23
N GLY A 384 -17.36 -7.08 19.21
CA GLY A 384 -18.20 -8.22 18.84
C GLY A 384 -18.31 -8.50 17.36
N ASP A 385 -17.69 -7.69 16.50
CA ASP A 385 -17.67 -7.96 15.08
C ASP A 385 -16.77 -9.14 14.72
N VAL A 386 -15.71 -9.37 15.48
CA VAL A 386 -14.86 -10.54 15.27
C VAL A 386 -15.25 -11.55 16.32
N LYS A 387 -15.74 -12.69 15.88
CA LYS A 387 -16.16 -13.74 16.76
C LYS A 387 -15.11 -14.86 16.75
N ASP A 388 -15.12 -15.66 17.81
CA ASP A 388 -14.30 -16.85 17.83
C ASP A 388 -12.80 -16.52 17.70
N VAL A 389 -12.38 -15.38 18.23
CA VAL A 389 -10.97 -14.99 18.31
C VAL A 389 -10.70 -14.52 19.73
N LEU A 390 -9.66 -15.05 20.36
CA LEU A 390 -9.32 -14.70 21.74
C LEU A 390 -7.81 -14.57 21.92
N LEU A 391 -7.37 -13.39 22.36
CA LEU A 391 -6.04 -13.27 22.96
C LEU A 391 -6.05 -13.91 24.33
N LEU A 392 -5.22 -14.93 24.51
CA LEU A 392 -5.15 -15.72 25.74
C LEU A 392 -3.97 -15.27 26.60
N ASP A 393 -4.25 -14.75 27.78
CA ASP A 393 -3.18 -14.35 28.70
C ASP A 393 -3.65 -14.82 30.06
N VAL A 394 -3.05 -15.91 30.54
CA VAL A 394 -3.41 -16.54 31.82
C VAL A 394 -2.13 -16.81 32.58
N THR A 395 -2.24 -16.87 33.90
CA THR A 395 -1.07 -17.13 34.72
C THR A 395 -0.69 -18.61 34.56
N PRO A 396 0.58 -18.92 34.30
CA PRO A 396 0.98 -20.35 34.22
C PRO A 396 1.01 -21.08 35.54
N LEU A 397 1.31 -20.40 36.64
CA LEU A 397 1.45 -21.03 37.94
C LEU A 397 0.82 -20.15 39.02
N SER A 398 0.52 -20.76 40.15
CA SER A 398 -0.02 -20.00 41.25
C SER A 398 1.02 -19.02 41.78
N LEU A 399 0.50 -17.89 42.26
CA LEU A 399 1.28 -16.80 42.84
C LEU A 399 0.75 -16.52 44.24
N GLY A 400 1.67 -16.23 45.15
CA GLY A 400 1.32 -16.07 46.55
C GLY A 400 2.46 -15.50 47.37
N ILE A 401 2.31 -15.64 48.69
CA ILE A 401 3.30 -15.19 49.65
C ILE A 401 3.54 -16.27 50.67
N GLU A 402 4.68 -16.18 51.33
CA GLU A 402 4.98 -17.09 52.43
C GLU A 402 4.26 -16.65 53.70
N THR A 403 3.63 -17.59 54.36
CA THR A 403 3.02 -17.37 55.67
C THR A 403 3.61 -18.33 56.70
N MET A 404 3.17 -18.12 57.95
CA MET A 404 3.75 -18.81 59.09
C MET A 404 3.79 -20.32 58.88
N GLY A 405 4.92 -20.90 59.28
CA GLY A 405 5.15 -22.32 59.07
C GLY A 405 5.82 -22.65 57.76
N GLY A 406 6.28 -21.65 57.01
CA GLY A 406 6.85 -21.93 55.70
C GLY A 406 5.86 -22.44 54.67
N VAL A 407 4.63 -21.86 54.67
CA VAL A 407 3.55 -22.26 53.79
C VAL A 407 3.48 -21.26 52.66
N MET A 408 3.22 -21.75 51.45
CA MET A 408 2.84 -20.87 50.35
C MET A 408 1.33 -20.70 50.39
N THR A 409 0.90 -19.44 50.57
CA THR A 409 -0.50 -19.06 50.55
C THR A 409 -0.80 -18.37 49.23
N THR A 410 -1.71 -18.96 48.44
CA THR A 410 -1.96 -18.46 47.09
C THR A 410 -2.86 -17.23 47.14
N LEU A 411 -2.48 -16.17 46.41
CA LEU A 411 -3.36 -15.01 46.14
C LEU A 411 -4.01 -15.10 44.77
N ILE A 412 -3.28 -15.58 43.78
CA ILE A 412 -3.81 -15.76 42.41
C ILE A 412 -3.51 -17.17 41.96
N ALA A 413 -4.56 -17.92 41.72
CA ALA A 413 -4.45 -19.31 41.31
C ALA A 413 -3.90 -19.44 39.89
N LYS A 414 -3.26 -20.57 39.65
CA LYS A 414 -2.82 -20.96 38.32
C LYS A 414 -3.98 -20.81 37.34
N ASN A 415 -3.65 -20.36 36.14
CA ASN A 415 -4.55 -20.32 34.98
C ASN A 415 -5.67 -19.32 35.16
N THR A 416 -5.39 -18.27 35.93
CA THR A 416 -6.26 -17.10 36.04
C THR A 416 -6.00 -16.17 34.86
N THR A 417 -7.08 -15.68 34.25
CA THR A 417 -6.98 -14.72 33.14
C THR A 417 -6.51 -13.36 33.62
N ILE A 418 -5.62 -12.78 32.81
CA ILE A 418 -4.97 -11.50 33.02
C ILE A 418 -5.67 -10.48 32.14
N PRO A 419 -5.88 -9.26 32.61
CA PRO A 419 -5.57 -8.73 33.94
C PRO A 419 -6.45 -9.23 35.09
N THR A 420 -5.91 -9.19 36.30
CA THR A 420 -6.61 -9.67 37.48
C THR A 420 -6.05 -9.00 38.72
N LYS A 421 -6.87 -8.96 39.76
CA LYS A 421 -6.49 -8.35 41.03
C LYS A 421 -7.15 -9.13 42.15
N HIS A 422 -6.38 -9.54 43.16
CA HIS A 422 -6.94 -10.19 44.35
C HIS A 422 -6.21 -9.72 45.60
N SER A 423 -6.98 -9.52 46.67
CA SER A 423 -6.45 -9.09 47.97
C SER A 423 -6.78 -10.09 49.05
N GLN A 424 -5.91 -10.16 50.05
CA GLN A 424 -6.21 -10.90 51.26
C GLN A 424 -5.57 -10.18 52.43
N VAL A 425 -6.20 -10.28 53.59
CA VAL A 425 -5.74 -9.62 54.80
C VAL A 425 -5.00 -10.64 55.66
N PHE A 426 -3.81 -10.26 56.09
CA PHE A 426 -2.96 -11.07 56.96
C PHE A 426 -2.72 -10.30 58.26
N SER A 427 -2.10 -10.98 59.22
CA SER A 427 -1.74 -10.32 60.47
C SER A 427 -0.36 -10.78 60.88
N THR A 428 0.03 -10.41 62.09
CA THR A 428 1.35 -10.68 62.61
C THR A 428 1.37 -11.98 63.39
N ALA A 429 2.54 -12.61 63.41
CA ALA A 429 2.69 -13.86 64.10
C ALA A 429 3.12 -13.71 65.55
N GLU A 430 3.68 -12.57 65.93
CA GLU A 430 4.16 -12.36 67.30
C GLU A 430 3.57 -11.08 67.89
N ASP A 431 3.34 -11.12 69.22
CA ASP A 431 2.91 -9.93 69.94
C ASP A 431 3.87 -8.79 69.66
N ASN A 432 3.33 -7.61 69.43
CA ASN A 432 4.14 -6.40 69.28
C ASN A 432 5.09 -6.46 68.08
N GLN A 433 4.77 -7.30 67.08
CA GLN A 433 5.58 -7.34 65.87
C GLN A 433 5.49 -6.02 65.14
N SER A 434 6.63 -5.43 64.82
CA SER A 434 6.66 -4.10 64.19
C SER A 434 6.83 -4.14 62.69
N ALA A 435 7.07 -5.32 62.11
CA ALA A 435 7.32 -5.38 60.69
C ALA A 435 6.96 -6.76 60.18
N VAL A 436 6.58 -6.81 58.90
CA VAL A 436 6.36 -8.08 58.19
C VAL A 436 7.20 -8.08 56.92
N THR A 437 7.60 -9.29 56.50
CA THR A 437 8.35 -9.52 55.25
C THR A 437 7.40 -10.18 54.25
N ILE A 438 7.11 -9.51 53.15
CA ILE A 438 6.29 -10.05 52.06
C ILE A 438 7.23 -10.77 51.09
N HIS A 439 7.20 -12.11 51.10
CA HIS A 439 8.00 -12.95 50.22
C HIS A 439 7.10 -13.49 49.12
N VAL A 440 7.28 -13.00 47.92
CA VAL A 440 6.42 -13.34 46.81
C VAL A 440 6.94 -14.63 46.18
N LEU A 441 6.04 -15.56 45.93
CA LEU A 441 6.38 -16.93 45.55
C LEU A 441 5.58 -17.33 44.33
N GLN A 442 6.16 -18.24 43.54
CA GLN A 442 5.52 -18.78 42.35
C GLN A 442 5.67 -20.29 42.30
N GLY A 443 4.56 -21.00 42.21
CA GLY A 443 4.57 -22.45 42.05
C GLY A 443 3.33 -23.07 42.67
N GLU A 444 3.26 -24.40 42.55
CA GLU A 444 2.11 -25.20 42.96
C GLU A 444 2.34 -25.99 44.24
N ARG A 445 3.49 -25.85 44.88
CA ARG A 445 3.76 -26.64 46.07
C ARG A 445 3.27 -25.87 47.28
N LYS A 446 3.04 -26.60 48.38
CA LYS A 446 2.50 -25.99 49.57
C LYS A 446 3.58 -25.50 50.52
N ARG A 447 4.80 -26.04 50.43
CA ARG A 447 5.94 -25.54 51.20
C ARG A 447 6.56 -24.41 50.42
N ALA A 448 6.71 -23.25 51.08
CA ALA A 448 7.27 -22.10 50.40
C ALA A 448 8.60 -22.42 49.74
N ALA A 449 9.45 -23.22 50.41
CA ALA A 449 10.80 -23.46 49.89
C ALA A 449 10.81 -24.33 48.64
N ASP A 450 9.71 -25.02 48.35
CA ASP A 450 9.57 -25.77 47.11
C ASP A 450 9.07 -24.94 45.94
N ASN A 451 8.88 -23.63 46.12
CA ASN A 451 8.44 -22.79 45.00
C ASN A 451 9.54 -21.79 44.70
N LYS A 452 9.36 -21.05 43.60
CA LYS A 452 10.31 -20.05 43.17
C LYS A 452 10.04 -18.73 43.87
N SER A 453 11.09 -18.11 44.37
CA SER A 453 11.01 -16.77 44.95
C SER A 453 11.09 -15.71 43.86
N LEU A 454 10.09 -14.82 43.80
CA LEU A 454 10.03 -13.78 42.76
C LEU A 454 10.50 -12.39 43.25
N GLY A 455 10.69 -12.22 44.55
CA GLY A 455 11.03 -10.95 45.13
C GLY A 455 10.46 -10.84 46.53
N GLN A 456 10.96 -9.84 47.27
CA GLN A 456 10.47 -9.64 48.61
C GLN A 456 10.69 -8.21 49.06
N PHE A 457 9.91 -7.83 50.09
CA PHE A 457 10.02 -6.50 50.65
C PHE A 457 9.40 -6.50 52.04
N ASN A 458 9.71 -5.44 52.77
CA ASN A 458 9.35 -5.28 54.17
C ASN A 458 8.24 -4.26 54.31
N LEU A 459 7.38 -4.48 55.30
CA LEU A 459 6.50 -3.41 55.76
C LEU A 459 6.69 -3.24 57.25
N ASP A 460 7.12 -2.06 57.69
CA ASP A 460 7.37 -1.79 59.11
C ASP A 460 6.41 -0.69 59.61
N GLY A 461 6.63 -0.21 60.82
CA GLY A 461 5.79 0.84 61.35
C GLY A 461 4.51 0.32 61.95
N ILE A 462 4.42 -0.97 62.15
CA ILE A 462 3.23 -1.56 62.70
C ILE A 462 3.19 -1.24 64.19
N ASN A 463 2.06 -0.74 64.63
CA ASN A 463 1.90 -0.32 65.99
C ASN A 463 1.80 -1.54 66.92
N PRO A 464 2.30 -1.43 68.14
CA PRO A 464 2.29 -2.58 69.06
C PRO A 464 0.87 -3.08 69.32
N ALA A 465 0.69 -4.38 69.21
CA ALA A 465 -0.62 -5.00 69.36
C ALA A 465 -0.42 -6.50 69.50
N PRO A 466 -1.41 -7.21 70.02
CA PRO A 466 -1.26 -8.66 70.13
C PRO A 466 -1.19 -9.31 68.76
N ARG A 467 -0.54 -10.47 68.70
CA ARG A 467 -0.51 -11.21 67.46
C ARG A 467 -1.92 -11.37 66.95
N GLY A 468 -2.09 -11.36 65.64
CA GLY A 468 -3.41 -11.53 65.05
C GLY A 468 -4.27 -10.29 64.96
N MET A 469 -3.88 -9.17 65.58
CA MET A 469 -4.71 -7.97 65.67
C MET A 469 -4.47 -7.03 64.49
N PRO A 470 -3.22 -6.77 64.14
CA PRO A 470 -2.96 -5.86 63.01
C PRO A 470 -3.54 -6.42 61.72
N GLN A 471 -3.95 -5.52 60.84
CA GLN A 471 -4.58 -5.90 59.58
C GLN A 471 -3.67 -5.45 58.45
N ILE A 472 -3.01 -6.41 57.82
CA ILE A 472 -2.09 -6.14 56.72
C ILE A 472 -2.77 -6.58 55.43
N GLU A 473 -3.20 -5.65 54.62
CA GLU A 473 -3.84 -6.02 53.37
C GLU A 473 -2.79 -6.21 52.29
N VAL A 474 -2.74 -7.41 51.73
CA VAL A 474 -1.81 -7.74 50.66
C VAL A 474 -2.58 -7.82 49.36
N THR A 475 -2.13 -7.08 48.35
CA THR A 475 -2.78 -7.04 47.06
C THR A 475 -1.81 -7.47 45.97
N PHE A 476 -2.26 -8.41 45.16
CA PHE A 476 -1.59 -8.82 43.93
C PHE A 476 -2.42 -8.32 42.76
N ASP A 477 -1.81 -7.48 41.93
CA ASP A 477 -2.47 -6.97 40.74
C ASP A 477 -1.57 -7.27 39.55
N ILE A 478 -2.08 -8.01 38.58
CA ILE A 478 -1.35 -8.29 37.33
C ILE A 478 -2.01 -7.49 36.21
N ASP A 479 -1.22 -6.62 35.59
CA ASP A 479 -1.78 -5.78 34.55
C ASP A 479 -1.67 -6.49 33.20
N CYS A 480 -2.14 -5.80 32.14
CA CYS A 480 -2.22 -6.41 30.81
C CYS A 480 -0.85 -6.71 30.25
N ASP A 481 0.15 -5.91 30.62
CA ASP A 481 1.55 -6.20 30.29
C ASP A 481 2.10 -7.42 31.04
N GLY A 482 1.29 -8.09 31.86
CA GLY A 482 1.77 -9.25 32.61
C GLY A 482 2.66 -8.90 33.80
N ILE A 483 2.77 -7.62 34.11
CA ILE A 483 3.56 -7.13 35.21
C ILE A 483 2.77 -7.26 36.51
N LEU A 484 3.39 -7.87 37.49
CA LEU A 484 2.75 -8.14 38.76
C LEU A 484 3.10 -7.02 39.75
N HIS A 485 2.08 -6.40 40.29
CA HIS A 485 2.20 -5.39 41.33
C HIS A 485 1.74 -6.00 42.63
N VAL A 486 2.62 -6.01 43.64
CA VAL A 486 2.30 -6.49 44.97
C VAL A 486 2.40 -5.33 45.93
N SER A 487 1.35 -5.12 46.71
CA SER A 487 1.36 -4.11 47.75
C SER A 487 0.96 -4.74 49.08
N ALA A 488 1.45 -4.15 50.14
CA ALA A 488 1.04 -4.50 51.48
C ALA A 488 0.77 -3.20 52.23
N LYS A 489 -0.38 -3.13 52.89
CA LYS A 489 -0.83 -1.91 53.53
C LYS A 489 -1.32 -2.22 54.93
N ASP A 490 -0.80 -1.47 55.90
CA ASP A 490 -1.28 -1.57 57.27
C ASP A 490 -2.52 -0.70 57.37
N LYS A 491 -3.68 -1.33 57.56
CA LYS A 491 -4.92 -0.57 57.48
C LYS A 491 -5.05 0.41 58.65
N ASN A 492 -4.39 0.13 59.78
CA ASN A 492 -4.54 0.94 60.97
C ASN A 492 -3.52 2.06 61.07
N SER A 493 -2.35 1.90 60.45
CA SER A 493 -1.34 2.97 60.43
C SER A 493 -1.30 3.73 59.11
N GLY A 494 -1.90 3.19 58.05
CA GLY A 494 -1.87 3.81 56.75
C GLY A 494 -0.62 3.56 55.93
N LYS A 495 0.40 2.94 56.52
CA LYS A 495 1.68 2.70 55.85
C LYS A 495 1.50 1.69 54.73
N GLU A 496 2.19 1.92 53.62
CA GLU A 496 2.13 0.97 52.52
C GLU A 496 3.52 0.85 51.88
N GLN A 497 3.79 -0.32 51.32
CA GLN A 497 5.00 -0.58 50.57
C GLN A 497 4.61 -1.49 49.41
N LYS A 498 5.36 -1.40 48.32
CA LYS A 498 4.99 -2.16 47.13
C LYS A 498 6.22 -2.46 46.30
N ILE A 499 6.08 -3.45 45.43
CA ILE A 499 7.08 -3.76 44.43
C ILE A 499 6.39 -4.13 43.12
N THR A 500 7.20 -4.13 42.09
CA THR A 500 6.82 -4.48 40.75
C THR A 500 7.70 -5.65 40.33
N ILE A 501 7.08 -6.69 39.76
CA ILE A 501 7.77 -7.91 39.35
C ILE A 501 7.56 -8.05 37.85
N LYS A 502 8.66 -8.04 37.10
CA LYS A 502 8.57 -8.15 35.63
C LYS A 502 7.89 -9.44 35.19
N ALA A 503 7.29 -9.37 34.01
CA ALA A 503 6.74 -10.56 33.40
C ALA A 503 7.87 -11.49 33.01
N SER A 504 7.60 -12.80 33.04
N SER A 504 7.61 -12.79 33.04
CA SER A 504 8.56 -13.77 32.57
CA SER A 504 8.60 -13.75 32.60
C SER A 504 8.79 -13.59 31.08
C SER A 504 8.79 -13.61 31.10
N SER A 505 10.00 -13.88 30.65
CA SER A 505 10.32 -13.80 29.23
C SER A 505 9.74 -14.97 28.44
N GLY A 506 9.28 -16.01 29.11
CA GLY A 506 8.66 -17.07 28.36
C GLY A 506 7.71 -17.88 29.19
N LEU A 507 6.95 -18.68 28.49
CA LEU A 507 6.07 -19.69 29.06
C LEU A 507 6.48 -21.03 28.45
N ASN A 508 7.20 -21.86 29.22
CA ASN A 508 7.75 -23.14 28.76
C ASN A 508 6.75 -24.20 29.21
N GLU A 509 5.83 -24.56 28.32
CA GLU A 509 4.76 -25.48 28.72
C GLU A 509 5.31 -26.84 29.06
N ASP A 510 6.38 -27.26 28.38
CA ASP A 510 7.00 -28.53 28.75
C ASP A 510 7.38 -28.54 30.24
N GLU A 511 8.05 -27.49 30.71
CA GLU A 511 8.47 -27.46 32.11
C GLU A 511 7.29 -27.16 33.02
N ILE A 512 6.35 -26.31 32.60
CA ILE A 512 5.18 -26.05 33.44
C ILE A 512 4.41 -27.33 33.72
N GLN A 513 4.17 -28.13 32.68
CA GLN A 513 3.39 -29.35 32.94
C GLN A 513 4.13 -30.34 33.81
N LYS A 514 5.46 -30.38 33.72
CA LYS A 514 6.21 -31.21 34.68
C LYS A 514 6.00 -30.72 36.12
N MET A 515 6.08 -29.40 36.31
CA MET A 515 5.87 -28.86 37.65
CA MET A 515 5.87 -28.85 37.65
C MET A 515 4.47 -29.17 38.15
N VAL A 516 3.46 -29.05 37.28
CA VAL A 516 2.10 -29.41 37.66
C VAL A 516 2.02 -30.87 38.05
N ARG A 517 2.55 -31.79 37.21
CA ARG A 517 2.51 -33.22 37.57
C ARG A 517 3.30 -33.51 38.86
N ASP A 518 4.40 -32.81 39.07
CA ASP A 518 5.16 -32.99 40.28
C ASP A 518 4.33 -32.60 41.51
N ALA A 519 3.61 -31.49 41.43
CA ALA A 519 2.76 -31.08 42.53
C ALA A 519 1.68 -32.11 42.77
N GLU A 520 1.07 -32.60 41.71
CA GLU A 520 0.03 -33.62 41.84
C GLU A 520 0.59 -34.91 42.42
N ALA A 521 1.85 -35.27 42.10
CA ALA A 521 2.43 -36.46 42.69
C ALA A 521 2.64 -36.28 44.19
N ASN A 522 2.76 -35.05 44.67
CA ASN A 522 3.06 -34.75 46.07
C ASN A 522 1.88 -34.10 46.79
N ALA A 523 0.68 -34.25 46.26
CA ALA A 523 -0.46 -33.55 46.80
C ALA A 523 -0.75 -33.98 48.23
N GLU A 524 -0.72 -35.29 48.49
CA GLU A 524 -1.09 -35.80 49.81
C GLU A 524 -0.09 -35.36 50.87
N ALA A 525 1.20 -35.53 50.57
CA ALA A 525 2.27 -35.04 51.44
C ALA A 525 2.15 -33.53 51.68
N ASP A 526 1.88 -32.76 50.61
CA ASP A 526 1.71 -31.32 50.76
C ASP A 526 0.48 -31.01 51.59
N ARG A 527 -0.60 -31.76 51.42
CA ARG A 527 -1.81 -31.55 52.22
C ARG A 527 -1.53 -31.82 53.69
N LYS A 528 -0.92 -32.96 53.99
CA LYS A 528 -0.62 -33.28 55.39
C LYS A 528 0.28 -32.21 56.01
N PHE A 529 1.27 -31.75 55.25
CA PHE A 529 2.14 -30.67 55.69
C PHE A 529 1.33 -29.43 56.04
N GLU A 530 0.45 -28.99 55.13
CA GLU A 530 -0.25 -27.74 55.39
C GLU A 530 -1.17 -27.88 56.59
N GLU A 531 -1.67 -29.08 56.86
CA GLU A 531 -2.69 -29.24 57.90
C GLU A 531 -2.10 -29.14 59.30
N LEU A 532 -1.09 -29.94 59.61
CA LEU A 532 -0.54 -29.85 60.95
C LEU A 532 0.37 -28.64 61.16
N VAL A 533 0.53 -27.78 60.17
CA VAL A 533 1.02 -26.42 60.40
C VAL A 533 -0.12 -25.47 60.72
N GLN A 534 -1.28 -25.66 60.07
CA GLN A 534 -2.44 -24.79 60.24
C GLN A 534 -3.06 -24.89 61.63
N THR A 535 -2.62 -25.83 62.46
CA THR A 535 -3.15 -25.94 63.82
C THR A 535 -2.27 -25.14 64.78
N ARG A 536 -2.16 -23.85 64.46
CA ARG A 536 -1.35 -22.91 65.24
C ARG A 536 -2.04 -21.53 65.29
N ARG A 547 -7.44 -16.08 60.18
CA ARG A 547 -6.57 -15.12 59.53
C ARG A 547 -5.09 -15.50 59.56
N LEU A 548 -4.47 -15.58 58.38
CA LEU A 548 -3.14 -16.15 58.31
C LEU A 548 -2.10 -15.10 58.68
N LEU A 549 -0.98 -15.59 59.22
CA LEU A 549 0.01 -14.76 59.89
C LEU A 549 1.33 -14.72 59.13
N LEU A 550 2.01 -13.57 59.24
CA LEU A 550 3.32 -13.31 58.65
C LEU A 550 4.37 -13.17 59.75
N THR A 551 5.53 -13.77 59.53
CA THR A 551 6.65 -13.60 60.44
C THR A 551 7.39 -12.30 60.13
N GLY A 552 8.40 -12.00 60.95
CA GLY A 552 9.16 -10.76 60.85
C GLY A 552 9.51 -10.33 59.43
N GLY B 2 1.76 -21.12 -15.90
CA GLY B 2 0.71 -21.34 -14.92
C GLY B 2 -0.09 -20.08 -14.60
N LYS B 3 0.38 -19.30 -13.64
CA LYS B 3 -0.41 -18.18 -13.13
C LYS B 3 -0.29 -16.94 -14.02
N ILE B 4 -1.34 -16.12 -13.98
CA ILE B 4 -1.47 -14.94 -14.82
C ILE B 4 -1.52 -13.73 -13.91
N ILE B 5 -0.62 -12.78 -14.12
CA ILE B 5 -0.53 -11.63 -13.27
C ILE B 5 -1.26 -10.50 -13.97
N GLY B 6 -1.70 -9.52 -13.19
CA GLY B 6 -2.35 -8.33 -13.72
C GLY B 6 -1.44 -7.12 -13.53
N ILE B 7 -1.18 -6.41 -14.63
CA ILE B 7 -0.27 -5.26 -14.61
C ILE B 7 -0.98 -4.02 -15.12
N ASP B 8 -1.03 -3.00 -14.28
CA ASP B 8 -1.40 -1.65 -14.70
C ASP B 8 -0.11 -0.93 -15.10
N LEU B 9 0.07 -0.75 -16.40
CA LEU B 9 1.23 -0.04 -16.95
C LEU B 9 0.80 1.40 -17.14
N GLY B 10 1.12 2.27 -16.12
CA GLY B 10 0.66 3.65 -16.18
C GLY B 10 1.66 4.59 -16.78
N THR B 11 1.13 5.72 -17.25
CA THR B 11 1.95 6.83 -17.70
C THR B 11 2.95 7.23 -16.62
N THR B 12 2.51 7.29 -15.35
CA THR B 12 3.31 7.75 -14.20
C THR B 12 3.74 6.64 -13.29
N ASN B 13 2.84 5.73 -12.96
CA ASN B 13 3.11 4.67 -12.02
C ASN B 13 2.56 3.37 -12.57
N SER B 14 3.22 2.30 -12.17
CA SER B 14 2.79 0.95 -12.49
C SER B 14 2.57 0.14 -11.21
N CYS B 15 1.76 -0.90 -11.37
CA CYS B 15 1.26 -1.68 -10.26
C CYS B 15 0.98 -3.07 -10.77
N VAL B 16 1.31 -4.07 -9.96
CA VAL B 16 1.15 -5.47 -10.31
C VAL B 16 0.37 -6.16 -9.20
N ALA B 17 -0.58 -7.00 -9.61
CA ALA B 17 -1.43 -7.74 -8.66
C ALA B 17 -1.64 -9.16 -9.14
N ILE B 18 -2.06 -10.01 -8.21
CA ILE B 18 -2.35 -11.40 -8.53
C ILE B 18 -3.56 -11.84 -7.72
N MET B 19 -4.23 -12.87 -8.21
CA MET B 19 -5.26 -13.54 -7.43
C MET B 19 -4.60 -14.49 -6.45
N ASP B 20 -4.85 -14.26 -5.16
CA ASP B 20 -4.35 -15.13 -4.09
C ASP B 20 -5.54 -15.98 -3.63
N GLY B 21 -5.85 -16.98 -4.44
CA GLY B 21 -7.10 -17.69 -4.31
C GLY B 21 -8.26 -16.82 -4.74
N THR B 22 -9.15 -16.49 -3.80
CA THR B 22 -10.36 -15.73 -4.07
C THR B 22 -10.19 -14.22 -3.92
N THR B 23 -9.11 -13.78 -3.28
CA THR B 23 -8.90 -12.37 -3.03
C THR B 23 -7.68 -11.88 -3.79
N PRO B 24 -7.78 -10.73 -4.46
CA PRO B 24 -6.60 -10.19 -5.14
C PRO B 24 -5.64 -9.60 -4.13
N ARG B 25 -4.36 -9.68 -4.47
CA ARG B 25 -3.30 -9.14 -3.64
C ARG B 25 -2.42 -8.27 -4.52
N VAL B 26 -2.29 -7.01 -4.16
CA VAL B 26 -1.30 -6.08 -4.76
C VAL B 26 0.07 -6.41 -4.17
N LEU B 27 1.06 -6.58 -5.04
CA LEU B 27 2.42 -7.00 -4.64
C LEU B 27 3.35 -5.80 -4.46
N GLU B 28 4.15 -5.82 -3.41
CA GLU B 28 5.12 -4.75 -3.18
C GLU B 28 6.40 -5.08 -3.93
N ASN B 29 7.09 -4.04 -4.40
CA ASN B 29 8.38 -4.28 -5.02
C ASN B 29 9.44 -4.43 -3.93
N ALA B 30 10.70 -4.63 -4.33
CA ALA B 30 11.74 -4.90 -3.33
C ALA B 30 12.01 -3.72 -2.40
N GLU B 31 11.66 -2.50 -2.80
CA GLU B 31 11.80 -1.40 -1.88
C GLU B 31 10.63 -1.32 -0.91
N GLY B 32 9.59 -2.10 -1.13
CA GLY B 32 8.41 -2.14 -0.29
C GLY B 32 7.22 -1.36 -0.82
N ASP B 33 7.26 -0.94 -2.06
CA ASP B 33 6.26 -0.01 -2.58
C ASP B 33 5.23 -0.78 -3.41
N ARG B 34 3.97 -0.43 -3.22
CA ARG B 34 2.88 -1.05 -3.97
C ARG B 34 2.73 -0.50 -5.38
N THR B 35 3.38 0.62 -5.70
CA THR B 35 3.47 1.11 -7.05
C THR B 35 4.92 1.44 -7.34
N THR B 36 5.22 1.42 -8.62
CA THR B 36 6.56 1.65 -9.16
C THR B 36 6.53 2.77 -10.20
N PRO B 37 7.35 3.81 -10.07
CA PRO B 37 7.34 4.85 -11.12
C PRO B 37 7.74 4.28 -12.49
N SER B 38 7.01 4.71 -13.52
CA SER B 38 7.23 4.32 -14.93
C SER B 38 8.34 5.17 -15.52
N ILE B 39 9.53 4.97 -14.99
CA ILE B 39 10.66 5.82 -15.31
C ILE B 39 11.85 4.87 -15.52
N ILE B 40 12.59 5.05 -16.62
CA ILE B 40 13.72 4.23 -17.02
C ILE B 40 14.90 5.16 -17.28
N ALA B 41 16.06 4.87 -16.68
CA ALA B 41 17.23 5.73 -16.89
C ALA B 41 18.44 4.91 -17.31
N TYR B 42 19.27 5.55 -18.11
CA TYR B 42 20.50 4.95 -18.63
C TYR B 42 21.64 5.78 -18.07
N THR B 43 22.44 5.17 -17.22
CA THR B 43 23.49 5.89 -16.51
C THR B 43 24.83 5.79 -17.21
N GLN B 44 25.72 6.71 -16.83
CA GLN B 44 27.06 6.81 -17.40
C GLN B 44 27.84 5.50 -17.26
N ASP B 45 27.72 4.82 -16.11
CA ASP B 45 28.52 3.61 -15.91
C ASP B 45 27.83 2.37 -16.40
N GLY B 46 26.79 2.53 -17.20
CA GLY B 46 26.22 1.43 -17.92
C GLY B 46 25.01 0.78 -17.31
N GLU B 47 24.43 1.34 -16.26
CA GLU B 47 23.28 0.74 -15.63
C GLU B 47 21.97 1.13 -16.34
N THR B 48 20.98 0.24 -16.27
CA THR B 48 19.60 0.60 -16.63
C THR B 48 18.81 0.63 -15.34
N LEU B 49 18.36 1.83 -14.96
CA LEU B 49 17.60 2.00 -13.73
C LEU B 49 16.12 2.04 -14.07
N VAL B 50 15.30 1.47 -13.19
CA VAL B 50 13.86 1.39 -13.38
C VAL B 50 13.16 1.72 -12.07
N GLY B 51 12.21 2.66 -12.11
CA GLY B 51 11.45 2.91 -10.92
C GLY B 51 12.01 4.01 -10.07
N GLN B 52 11.87 3.85 -8.76
CA GLN B 52 12.33 4.88 -7.85
C GLN B 52 13.81 5.15 -8.01
N PRO B 53 14.66 4.14 -8.25
CA PRO B 53 16.09 4.44 -8.51
C PRO B 53 16.28 5.38 -9.70
N ALA B 54 15.52 5.18 -10.78
CA ALA B 54 15.57 6.10 -11.91
C ALA B 54 15.01 7.46 -11.55
N LYS B 55 13.89 7.49 -10.85
CA LYS B 55 13.30 8.77 -10.46
C LYS B 55 14.29 9.59 -9.64
N ARG B 56 15.04 8.95 -8.74
CA ARG B 56 15.86 9.72 -7.81
C ARG B 56 17.02 10.42 -8.52
N GLN B 57 17.57 9.85 -9.59
CA GLN B 57 18.66 10.49 -10.32
C GLN B 57 18.20 11.29 -11.54
N ALA B 58 16.88 11.46 -11.71
CA ALA B 58 16.37 12.21 -12.85
C ALA B 58 16.95 13.61 -12.93
N VAL B 59 16.99 14.34 -11.81
CA VAL B 59 17.32 15.75 -11.84
C VAL B 59 18.77 16.04 -12.20
N THR B 60 19.64 15.04 -12.20
CA THR B 60 21.01 15.21 -12.65
C THR B 60 21.26 14.60 -14.00
N ASN B 61 20.29 13.89 -14.58
CA ASN B 61 20.52 13.12 -15.81
C ASN B 61 19.32 13.30 -16.74
N PRO B 62 18.97 14.55 -17.06
CA PRO B 62 17.72 14.80 -17.78
C PRO B 62 17.69 14.25 -19.19
N GLN B 63 18.85 14.07 -19.83
CA GLN B 63 18.89 13.61 -21.22
C GLN B 63 18.55 12.13 -21.31
N ASN B 64 18.98 11.35 -20.33
CA ASN B 64 18.94 9.90 -20.42
C ASN B 64 18.00 9.27 -19.41
N THR B 65 17.08 10.03 -18.85
CA THR B 65 16.03 9.51 -17.97
C THR B 65 14.72 9.62 -18.73
N LEU B 66 14.12 8.50 -19.05
CA LEU B 66 12.90 8.46 -19.86
C LEU B 66 11.67 8.34 -18.99
N PHE B 67 10.67 9.15 -19.26
CA PHE B 67 9.42 9.08 -18.53
C PHE B 67 8.30 9.37 -19.53
N ALA B 68 7.06 9.07 -19.12
CA ALA B 68 5.86 9.30 -19.94
C ALA B 68 5.98 8.67 -21.34
N ILE B 69 6.70 7.56 -21.42
CA ILE B 69 6.84 6.84 -22.69
C ILE B 69 5.51 6.30 -23.18
N LYS B 70 4.53 6.17 -22.27
CA LYS B 70 3.17 5.81 -22.68
C LYS B 70 2.56 6.82 -23.65
N ARG B 71 3.02 8.07 -23.67
CA ARG B 71 2.53 9.02 -24.65
C ARG B 71 3.03 8.72 -26.07
N LEU B 72 4.08 7.91 -26.22
CA LEU B 72 4.72 7.64 -27.51
C LEU B 72 4.41 6.27 -28.06
N ILE B 73 4.02 5.35 -27.21
CA ILE B 73 3.95 3.97 -27.62
C ILE B 73 2.83 3.79 -28.65
N GLY B 74 3.15 3.05 -29.71
CA GLY B 74 2.27 2.81 -30.84
C GLY B 74 1.97 4.01 -31.71
N ARG B 75 2.68 5.13 -31.53
CA ARG B 75 2.41 6.33 -32.29
C ARG B 75 3.49 6.58 -33.35
N ARG B 76 3.07 7.34 -34.36
CA ARG B 76 3.92 7.82 -35.45
C ARG B 76 4.59 9.11 -35.04
N PHE B 77 5.80 9.34 -35.55
CA PHE B 77 6.56 10.53 -35.20
C PHE B 77 5.82 11.81 -35.58
N GLN B 78 5.00 11.78 -36.63
CA GLN B 78 4.28 12.97 -37.07
C GLN B 78 2.91 13.14 -36.41
N ASP B 79 2.49 12.17 -35.60
CA ASP B 79 1.33 12.36 -34.73
C ASP B 79 1.45 13.72 -34.06
N GLU B 80 0.36 14.49 -34.09
CA GLU B 80 0.34 15.80 -33.44
C GLU B 80 0.87 15.72 -32.01
N GLU B 81 0.37 14.74 -31.24
CA GLU B 81 0.73 14.66 -29.83
C GLU B 81 2.21 14.37 -29.65
N VAL B 82 2.79 13.54 -30.53
CA VAL B 82 4.23 13.27 -30.47
C VAL B 82 5.01 14.55 -30.75
N GLN B 83 4.58 15.32 -31.75
CA GLN B 83 5.18 16.61 -32.01
C GLN B 83 4.94 17.56 -30.83
N ARG B 84 3.73 17.51 -30.29
CA ARG B 84 3.45 18.22 -29.05
C ARG B 84 4.35 17.74 -27.92
N ASP B 85 4.70 16.45 -27.93
CA ASP B 85 5.55 15.87 -26.90
C ASP B 85 7.03 16.16 -27.17
N VAL B 86 7.43 16.28 -28.44
CA VAL B 86 8.84 16.44 -28.79
C VAL B 86 9.43 17.67 -28.14
N SER B 87 8.69 18.78 -28.17
CA SER B 87 9.21 20.04 -27.62
C SER B 87 9.48 19.93 -26.13
N ILE B 88 8.48 19.51 -25.35
CA ILE B 88 8.56 19.60 -23.90
C ILE B 88 9.54 18.57 -23.28
N MET B 89 9.69 17.38 -23.87
CA MET B 89 10.46 16.33 -23.22
C MET B 89 11.94 16.68 -23.22
N PRO B 90 12.65 16.44 -22.11
CA PRO B 90 14.09 16.70 -22.09
C PRO B 90 14.93 15.64 -22.79
N PHE B 91 14.37 14.48 -23.15
CA PHE B 91 15.11 13.47 -23.86
C PHE B 91 14.76 13.56 -25.35
N LYS B 92 15.54 12.85 -26.18
CA LYS B 92 15.48 13.01 -27.64
C LYS B 92 14.45 12.04 -28.23
N ILE B 93 13.41 12.59 -28.84
CA ILE B 93 12.42 11.81 -29.57
C ILE B 93 12.72 11.94 -31.07
N ILE B 94 12.83 10.80 -31.75
CA ILE B 94 13.27 10.72 -33.13
C ILE B 94 12.27 9.90 -33.96
N ALA B 95 12.41 10.03 -35.29
CA ALA B 95 11.69 9.19 -36.22
C ALA B 95 12.53 7.96 -36.52
N ALA B 96 11.92 6.78 -36.38
CA ALA B 96 12.54 5.55 -36.82
C ALA B 96 12.48 5.49 -38.35
N ASP B 97 13.21 4.54 -38.93
CA ASP B 97 13.23 4.44 -40.38
C ASP B 97 11.84 4.16 -40.95
N ASN B 98 10.97 3.54 -40.17
CA ASN B 98 9.61 3.27 -40.63
C ASN B 98 8.64 4.40 -40.29
N GLY B 99 9.12 5.51 -39.74
CA GLY B 99 8.24 6.59 -39.37
C GLY B 99 7.67 6.54 -37.94
N ASP B 100 7.98 5.51 -37.16
CA ASP B 100 7.46 5.44 -35.79
C ASP B 100 8.22 6.38 -34.88
N ALA B 101 7.54 6.81 -33.81
CA ALA B 101 8.16 7.67 -32.82
C ALA B 101 9.02 6.82 -31.91
N TRP B 102 10.32 7.12 -31.87
CA TRP B 102 11.30 6.38 -31.11
C TRP B 102 12.01 7.35 -30.17
N VAL B 103 12.91 6.82 -29.35
CA VAL B 103 13.75 7.67 -28.50
C VAL B 103 15.21 7.36 -28.73
N GLU B 104 16.07 8.34 -28.49
CA GLU B 104 17.51 8.12 -28.61
C GLU B 104 18.21 8.51 -27.33
N VAL B 105 18.96 7.57 -26.77
CA VAL B 105 19.69 7.74 -25.53
C VAL B 105 21.10 7.23 -25.75
N LYS B 106 22.10 8.04 -25.40
CA LYS B 106 23.49 7.63 -25.54
C LYS B 106 23.72 7.03 -26.92
N GLY B 107 23.17 7.68 -27.95
CA GLY B 107 23.27 7.22 -29.32
C GLY B 107 22.53 5.94 -29.66
N GLN B 108 21.81 5.32 -28.73
CA GLN B 108 21.05 4.12 -29.00
C GLN B 108 19.61 4.48 -29.34
N LYS B 109 19.15 4.01 -30.49
CA LYS B 109 17.80 4.28 -30.96
C LYS B 109 16.89 3.19 -30.43
N MET B 110 15.84 3.58 -29.74
CA MET B 110 15.01 2.62 -29.04
C MET B 110 13.54 2.86 -29.30
N ALA B 111 12.82 1.77 -29.47
CA ALA B 111 11.39 1.77 -29.66
C ALA B 111 10.68 1.86 -28.31
N PRO B 112 9.60 2.61 -28.22
CA PRO B 112 8.97 2.80 -26.89
C PRO B 112 8.72 1.47 -26.20
N PRO B 113 8.34 0.43 -26.93
CA PRO B 113 8.04 -0.85 -26.27
C PRO B 113 9.23 -1.47 -25.59
N GLN B 114 10.44 -1.26 -26.11
CA GLN B 114 11.64 -1.71 -25.43
C GLN B 114 11.87 -0.93 -24.14
N ILE B 115 11.46 0.33 -24.12
CA ILE B 115 11.55 1.12 -22.90
C ILE B 115 10.51 0.67 -21.87
N SER B 116 9.22 0.58 -22.27
CA SER B 116 8.20 0.16 -21.34
C SER B 116 8.43 -1.25 -20.84
N ALA B 117 9.04 -2.12 -21.66
CA ALA B 117 9.37 -3.47 -21.20
C ALA B 117 10.25 -3.49 -19.96
N GLU B 118 11.10 -2.48 -19.76
CA GLU B 118 11.93 -2.45 -18.56
C GLU B 118 11.08 -2.26 -17.31
N VAL B 119 9.97 -1.52 -17.40
CA VAL B 119 9.07 -1.43 -16.25
C VAL B 119 8.36 -2.75 -16.07
N LEU B 120 7.95 -3.35 -17.17
CA LEU B 120 7.24 -4.60 -17.07
C LEU B 120 8.11 -5.71 -16.55
N LYS B 121 9.42 -5.70 -16.85
CA LYS B 121 10.34 -6.68 -16.26
C LYS B 121 10.40 -6.54 -14.74
N LYS B 122 10.50 -5.31 -14.22
CA LYS B 122 10.44 -5.15 -12.78
C LYS B 122 9.11 -5.63 -12.21
N MET B 123 7.99 -5.43 -12.91
CA MET B 123 6.75 -5.95 -12.35
C MET B 123 6.76 -7.47 -12.30
N LYS B 124 7.25 -8.11 -13.37
CA LYS B 124 7.34 -9.57 -13.45
C LYS B 124 8.21 -10.12 -12.32
N LYS B 125 9.38 -9.49 -12.09
CA LYS B 125 10.26 -9.89 -10.99
C LYS B 125 9.59 -9.70 -9.64
N THR B 126 8.86 -8.61 -9.46
CA THR B 126 8.09 -8.45 -8.22
C THR B 126 7.13 -9.62 -8.02
N ALA B 127 6.47 -10.06 -9.08
CA ALA B 127 5.53 -11.17 -8.93
C ALA B 127 6.28 -12.48 -8.70
N GLU B 128 7.37 -12.70 -9.43
CA GLU B 128 8.14 -13.93 -9.27
C GLU B 128 8.75 -14.05 -7.88
N ASP B 129 9.21 -12.92 -7.30
CA ASP B 129 9.73 -12.95 -5.94
C ASP B 129 8.65 -13.33 -4.94
N TYR B 130 7.41 -12.87 -5.17
CA TYR B 130 6.31 -13.22 -4.27
C TYR B 130 5.88 -14.67 -4.44
N LEU B 131 5.78 -15.15 -5.68
CA LEU B 131 5.30 -16.49 -5.99
C LEU B 131 6.37 -17.57 -5.85
N GLY B 132 7.65 -17.20 -5.78
CA GLY B 132 8.74 -18.16 -5.77
C GLY B 132 8.79 -18.99 -7.02
N GLU B 133 8.22 -18.50 -8.10
CA GLU B 133 8.08 -19.27 -9.31
C GLU B 133 8.19 -18.31 -10.49
N PRO B 134 8.52 -18.81 -11.67
CA PRO B 134 8.51 -17.93 -12.86
C PRO B 134 7.10 -17.61 -13.32
N VAL B 135 6.97 -16.42 -13.89
CA VAL B 135 5.73 -15.95 -14.49
C VAL B 135 5.98 -15.72 -15.97
N THR B 136 5.07 -16.22 -16.81
CA THR B 136 5.19 -15.97 -18.23
C THR B 136 3.93 -15.42 -18.85
N GLU B 137 2.85 -15.28 -18.08
CA GLU B 137 1.56 -14.84 -18.56
C GLU B 137 1.09 -13.61 -17.78
N ALA B 138 0.50 -12.66 -18.50
CA ALA B 138 0.00 -11.45 -17.87
C ALA B 138 -1.23 -10.92 -18.62
N VAL B 139 -2.06 -10.22 -17.88
CA VAL B 139 -3.05 -9.31 -18.43
C VAL B 139 -2.50 -7.90 -18.21
N ILE B 140 -2.40 -7.12 -19.26
CA ILE B 140 -1.88 -5.75 -19.16
C ILE B 140 -2.99 -4.79 -19.57
N THR B 141 -3.10 -3.67 -18.87
CA THR B 141 -4.16 -2.72 -19.14
C THR B 141 -3.70 -1.59 -20.04
N VAL B 142 -4.70 -0.98 -20.75
CA VAL B 142 -4.46 0.18 -21.56
C VAL B 142 -5.63 1.15 -21.40
N PRO B 143 -5.41 2.43 -21.66
CA PRO B 143 -6.53 3.36 -21.70
C PRO B 143 -7.56 2.93 -22.72
N ALA B 144 -8.82 3.30 -22.46
CA ALA B 144 -9.90 2.95 -23.38
C ALA B 144 -9.72 3.59 -24.75
N TYR B 145 -9.04 4.73 -24.83
CA TYR B 145 -8.83 5.41 -26.10
C TYR B 145 -7.72 4.83 -26.95
N PHE B 146 -6.94 3.85 -26.45
CA PHE B 146 -5.85 3.30 -27.27
C PHE B 146 -6.40 2.61 -28.51
N ASN B 147 -5.71 2.84 -29.63
CA ASN B 147 -6.05 2.21 -30.89
C ASN B 147 -5.32 0.86 -31.05
N ASP B 148 -5.52 0.21 -32.19
CA ASP B 148 -4.94 -1.12 -32.38
C ASP B 148 -3.43 -1.04 -32.31
N ALA B 149 -2.83 0.01 -32.86
CA ALA B 149 -1.38 0.08 -32.86
C ALA B 149 -0.84 0.30 -31.45
N GLN B 150 -1.51 1.16 -30.69
CA GLN B 150 -1.13 1.39 -29.29
C GLN B 150 -1.24 0.11 -28.47
N ARG B 151 -2.32 -0.64 -28.68
CA ARG B 151 -2.51 -1.91 -28.00
C ARG B 151 -1.48 -2.95 -28.43
N GLN B 152 -1.22 -3.05 -29.73
CA GLN B 152 -0.22 -4.01 -30.19
C GLN B 152 1.15 -3.70 -29.61
N ALA B 153 1.53 -2.42 -29.63
CA ALA B 153 2.83 -2.02 -29.09
C ALA B 153 2.96 -2.33 -27.62
N THR B 154 1.86 -2.21 -26.87
CA THR B 154 1.86 -2.61 -25.47
C THR B 154 2.02 -4.11 -25.34
N LYS B 155 1.37 -4.85 -26.23
CA LYS B 155 1.59 -6.30 -26.21
C LYS B 155 3.04 -6.63 -26.49
N ASP B 156 3.65 -5.91 -27.43
CA ASP B 156 5.07 -6.08 -27.70
C ASP B 156 5.91 -5.79 -26.48
N ALA B 157 5.61 -4.69 -25.76
CA ALA B 157 6.37 -4.43 -24.55
C ALA B 157 6.29 -5.61 -23.59
N GLY B 158 5.13 -6.23 -23.49
CA GLY B 158 5.03 -7.41 -22.65
C GLY B 158 5.91 -8.54 -23.15
N ARG B 159 5.90 -8.79 -24.47
CA ARG B 159 6.71 -9.90 -24.99
C ARG B 159 8.19 -9.63 -24.81
N ILE B 160 8.62 -8.40 -25.09
CA ILE B 160 10.02 -8.04 -24.83
C ILE B 160 10.41 -8.33 -23.39
N ALA B 161 9.45 -8.21 -22.45
CA ALA B 161 9.66 -8.50 -21.05
C ALA B 161 9.48 -9.97 -20.71
N GLY B 162 9.22 -10.83 -21.69
CA GLY B 162 9.07 -12.24 -21.42
C GLY B 162 7.71 -12.65 -20.91
N LEU B 163 6.68 -11.88 -21.24
CA LEU B 163 5.32 -12.15 -20.80
C LEU B 163 4.48 -12.47 -22.01
N GLU B 164 3.76 -13.58 -21.93
CA GLU B 164 2.68 -13.87 -22.85
C GLU B 164 1.48 -13.03 -22.44
N VAL B 165 1.07 -12.11 -23.30
CA VAL B 165 -0.01 -11.19 -22.98
C VAL B 165 -1.32 -11.86 -23.42
N LYS B 166 -1.94 -12.55 -22.46
CA LYS B 166 -3.17 -13.29 -22.70
C LYS B 166 -4.33 -12.38 -23.10
N CYS B 167 -4.39 -11.18 -22.53
CA CYS B 167 -5.53 -10.30 -22.73
C CYS B 167 -5.04 -8.89 -22.50
N ILE B 168 -5.51 -7.97 -23.34
CA ILE B 168 -5.40 -6.54 -23.14
C ILE B 168 -6.79 -6.03 -22.77
N ILE B 169 -6.93 -5.41 -21.58
CA ILE B 169 -8.22 -4.82 -21.24
C ILE B 169 -8.08 -3.35 -20.87
N ASN B 170 -9.19 -2.65 -21.11
CA ASN B 170 -9.32 -1.23 -20.84
CA ASN B 170 -9.28 -1.23 -20.84
C ASN B 170 -9.22 -0.98 -19.34
N GLU B 171 -8.55 0.11 -18.97
CA GLU B 171 -8.31 0.42 -17.57
C GLU B 171 -9.61 0.62 -16.77
N PRO B 172 -10.58 1.40 -17.24
CA PRO B 172 -11.79 1.55 -16.45
C PRO B 172 -12.54 0.24 -16.27
N THR B 173 -12.50 -0.65 -17.27
CA THR B 173 -13.10 -1.97 -17.14
C THR B 173 -12.42 -2.78 -16.05
N ALA B 174 -11.10 -2.73 -16.00
CA ALA B 174 -10.38 -3.36 -14.91
C ALA B 174 -10.84 -2.82 -13.57
N ALA B 175 -10.95 -1.51 -13.45
CA ALA B 175 -11.42 -0.95 -12.21
C ALA B 175 -12.79 -1.51 -11.84
N ALA B 176 -13.64 -1.67 -12.85
CA ALA B 176 -14.98 -2.20 -12.57
C ALA B 176 -14.91 -3.62 -12.02
N LEU B 177 -14.03 -4.46 -12.58
CA LEU B 177 -13.85 -5.80 -12.04
C LEU B 177 -13.43 -5.76 -10.59
N ALA B 178 -12.53 -4.84 -10.23
CA ALA B 178 -12.09 -4.75 -8.83
C ALA B 178 -13.27 -4.39 -7.94
N TYR B 179 -14.02 -3.36 -8.31
CA TYR B 179 -15.20 -2.95 -7.54
C TYR B 179 -16.21 -4.10 -7.44
N GLY B 180 -16.43 -4.81 -8.53
CA GLY B 180 -17.44 -5.85 -8.62
C GLY B 180 -17.14 -7.11 -7.83
N LEU B 181 -15.95 -7.20 -7.23
CA LEU B 181 -15.67 -8.25 -6.25
C LEU B 181 -16.44 -8.06 -4.96
N ASP B 182 -16.74 -6.82 -4.61
CA ASP B 182 -17.48 -6.57 -3.39
C ASP B 182 -18.88 -7.20 -3.43
N LYS B 183 -19.40 -7.45 -2.23
CA LYS B 183 -20.74 -7.99 -2.08
C LYS B 183 -21.71 -6.84 -2.29
N GLY B 184 -22.89 -7.16 -2.81
CA GLY B 184 -23.87 -6.14 -3.05
C GLY B 184 -23.67 -5.30 -4.29
N THR B 185 -22.76 -5.65 -5.19
CA THR B 185 -22.48 -4.80 -6.33
C THR B 185 -23.24 -5.22 -7.60
N GLY B 186 -24.00 -6.31 -7.56
CA GLY B 186 -24.68 -6.79 -8.74
C GLY B 186 -25.88 -5.93 -9.09
N ASN B 187 -26.14 -5.85 -10.40
CA ASN B 187 -27.28 -5.15 -11.00
C ASN B 187 -27.26 -3.65 -10.66
N ARG B 188 -26.15 -3.03 -11.04
CA ARG B 188 -25.89 -1.62 -10.82
C ARG B 188 -25.19 -1.09 -12.07
N THR B 189 -25.37 0.19 -12.32
CA THR B 189 -24.58 0.90 -13.31
C THR B 189 -23.59 1.78 -12.53
N ILE B 190 -22.32 1.77 -12.96
CA ILE B 190 -21.28 2.59 -12.33
C ILE B 190 -20.68 3.53 -13.36
N ALA B 191 -20.23 4.66 -12.86
CA ALA B 191 -19.41 5.62 -13.59
C ALA B 191 -17.98 5.54 -13.08
N VAL B 192 -17.04 5.27 -13.96
CA VAL B 192 -15.64 5.20 -13.60
C VAL B 192 -14.97 6.44 -14.11
N TYR B 193 -14.57 7.32 -13.19
CA TYR B 193 -13.92 8.59 -13.52
C TYR B 193 -12.42 8.43 -13.31
N ASP B 194 -11.66 8.31 -14.40
CA ASP B 194 -10.23 7.97 -14.30
C ASP B 194 -9.40 9.16 -14.75
N LEU B 195 -8.82 9.87 -13.78
CA LEU B 195 -7.91 10.99 -14.03
C LEU B 195 -6.50 10.58 -13.58
N GLY B 196 -5.67 10.11 -14.52
CA GLY B 196 -4.30 9.73 -14.24
C GLY B 196 -3.32 10.80 -14.64
N GLY B 197 -2.03 10.40 -14.71
CA GLY B 197 -0.97 11.30 -15.10
C GLY B 197 -1.00 11.67 -16.56
N GLY B 198 -1.49 10.78 -17.42
CA GLY B 198 -1.47 11.01 -18.84
C GLY B 198 -2.79 11.43 -19.47
N ALA B 199 -3.91 11.11 -18.85
CA ALA B 199 -5.16 11.30 -19.58
C ALA B 199 -6.33 11.23 -18.62
N PHE B 200 -7.47 11.71 -19.11
CA PHE B 200 -8.76 11.55 -18.44
C PHE B 200 -9.60 10.56 -19.23
N ASP B 201 -10.20 9.60 -18.53
CA ASP B 201 -11.07 8.59 -19.13
C ASP B 201 -12.35 8.53 -18.29
N ILE B 202 -13.50 8.42 -18.95
CA ILE B 202 -14.76 8.15 -18.28
C ILE B 202 -15.40 6.96 -18.99
N SER B 203 -15.83 5.98 -18.22
CA SER B 203 -16.58 4.83 -18.72
C SER B 203 -17.82 4.62 -17.86
N ILE B 204 -18.89 4.19 -18.51
CA ILE B 204 -20.15 3.83 -17.89
C ILE B 204 -20.27 2.35 -18.10
N ILE B 205 -20.42 1.60 -17.01
CA ILE B 205 -20.31 0.15 -17.04
C ILE B 205 -21.48 -0.47 -16.28
N GLU B 206 -22.13 -1.46 -16.91
CA GLU B 206 -23.22 -2.21 -16.30
C GLU B 206 -22.64 -3.46 -15.68
N ILE B 207 -22.94 -3.66 -14.39
CA ILE B 207 -22.64 -4.88 -13.65
C ILE B 207 -23.97 -5.53 -13.30
N ASP B 208 -24.29 -6.60 -13.99
CA ASP B 208 -25.54 -7.31 -13.79
C ASP B 208 -25.21 -8.68 -13.20
N GLU B 209 -26.18 -9.24 -12.51
CA GLU B 209 -26.02 -10.57 -11.92
C GLU B 209 -27.29 -11.36 -12.18
N VAL B 210 -27.16 -12.44 -12.93
CA VAL B 210 -28.26 -13.27 -13.39
C VAL B 210 -27.82 -14.72 -13.25
N ASP B 211 -28.63 -15.53 -12.53
CA ASP B 211 -28.38 -16.97 -12.35
C ASP B 211 -26.97 -17.24 -11.86
N GLY B 212 -26.53 -16.45 -10.89
CA GLY B 212 -25.22 -16.60 -10.30
C GLY B 212 -24.05 -15.99 -11.06
N GLU B 213 -24.23 -15.63 -12.33
CA GLU B 213 -23.15 -15.07 -13.16
C GLU B 213 -23.16 -13.55 -13.07
N LYS B 214 -22.01 -12.95 -12.77
CA LYS B 214 -21.88 -11.50 -12.77
C LYS B 214 -21.23 -11.03 -14.07
N THR B 215 -21.91 -10.17 -14.84
CA THR B 215 -21.41 -9.70 -16.13
C THR B 215 -21.09 -8.22 -16.05
N PHE B 216 -20.10 -7.82 -16.86
CA PHE B 216 -19.58 -6.47 -16.91
C PHE B 216 -19.57 -6.02 -18.36
N GLU B 217 -20.29 -4.95 -18.66
CA GLU B 217 -20.44 -4.49 -20.04
C GLU B 217 -20.26 -2.99 -20.12
N VAL B 218 -19.39 -2.54 -21.02
CA VAL B 218 -19.18 -1.12 -21.18
C VAL B 218 -20.33 -0.54 -22.00
N LEU B 219 -21.02 0.47 -21.45
CA LEU B 219 -22.10 1.16 -22.14
C LEU B 219 -21.70 2.45 -22.81
N ALA B 220 -20.64 3.11 -22.31
CA ALA B 220 -20.09 4.28 -22.97
C ALA B 220 -18.68 4.52 -22.49
N THR B 221 -17.90 5.16 -23.34
CA THR B 221 -16.57 5.57 -22.91
C THR B 221 -16.15 6.78 -23.72
N ASN B 222 -15.47 7.70 -23.05
CA ASN B 222 -14.59 8.63 -23.72
C ASN B 222 -13.80 9.38 -22.68
N GLY B 223 -13.44 10.62 -22.94
CA GLY B 223 -12.44 11.25 -22.11
C GLY B 223 -11.77 12.40 -22.86
N ASP B 224 -10.47 12.54 -22.59
CA ASP B 224 -9.64 13.66 -23.07
C ASP B 224 -8.17 13.46 -22.70
N THR B 225 -7.28 13.24 -23.67
CA THR B 225 -5.88 13.02 -23.32
C THR B 225 -5.11 14.29 -22.94
N HIS B 226 -5.76 15.45 -22.89
CA HIS B 226 -5.09 16.70 -22.54
C HIS B 226 -5.47 17.19 -21.15
N LEU B 227 -6.10 16.35 -20.32
CA LEU B 227 -6.54 16.76 -19.01
C LEU B 227 -5.82 15.98 -17.93
N GLY B 228 -4.69 15.34 -18.26
CA GLY B 228 -4.00 14.50 -17.29
C GLY B 228 -3.22 15.33 -16.25
N GLY B 229 -2.78 14.62 -15.20
CA GLY B 229 -2.08 15.26 -14.10
C GLY B 229 -0.83 15.99 -14.54
N GLU B 230 -0.19 15.51 -15.60
CA GLU B 230 0.93 16.23 -16.22
CA GLU B 230 0.94 16.25 -16.16
C GLU B 230 0.52 17.60 -16.72
N ASP B 231 -0.74 17.76 -17.14
CA ASP B 231 -1.19 19.09 -17.57
C ASP B 231 -1.43 19.99 -16.38
N PHE B 232 -1.85 19.42 -15.25
CA PHE B 232 -1.92 20.20 -14.01
C PHE B 232 -0.53 20.68 -13.61
N ASP B 233 0.45 19.77 -13.66
CA ASP B 233 1.82 20.11 -13.32
C ASP B 233 2.27 21.30 -14.13
N SER B 234 1.96 21.25 -15.43
N SER B 234 1.96 21.26 -15.43
CA SER B 234 2.44 22.27 -16.35
CA SER B 234 2.46 22.29 -16.33
C SER B 234 1.90 23.64 -15.97
C SER B 234 1.91 23.67 -15.95
N ARG B 235 0.66 23.71 -15.51
CA ARG B 235 0.11 25.00 -15.10
CA ARG B 235 0.08 24.99 -15.08
C ARG B 235 0.88 25.57 -13.93
N LEU B 236 1.32 24.73 -13.01
CA LEU B 236 2.07 25.18 -11.85
C LEU B 236 3.51 25.45 -12.22
N ILE B 237 4.11 24.62 -13.05
CA ILE B 237 5.46 24.88 -13.51
C ILE B 237 5.53 26.27 -14.13
N ASN B 238 4.58 26.58 -15.00
CA ASN B 238 4.61 27.85 -15.71
C ASN B 238 4.53 29.00 -14.74
N TYR B 239 3.69 28.85 -13.71
CA TYR B 239 3.53 29.92 -12.74
C TYR B 239 4.82 30.16 -11.98
N LEU B 240 5.50 29.08 -11.60
CA LEU B 240 6.79 29.21 -10.92
C LEU B 240 7.86 29.81 -11.84
N VAL B 241 7.84 29.48 -13.12
CA VAL B 241 8.78 30.10 -14.06
C VAL B 241 8.53 31.61 -14.13
N GLU B 242 7.28 32.01 -14.30
CA GLU B 242 6.99 33.42 -14.47
C GLU B 242 7.22 34.20 -13.19
N GLU B 243 6.95 33.59 -12.05
CA GLU B 243 7.15 34.29 -10.78
C GLU B 243 8.63 34.54 -10.52
N PHE B 244 9.49 33.54 -10.76
CA PHE B 244 10.94 33.70 -10.61
C PHE B 244 11.52 34.69 -11.62
N LYS B 245 10.97 34.74 -12.83
CA LYS B 245 11.39 35.74 -13.80
C LYS B 245 11.08 37.14 -13.31
N LYS B 246 9.87 37.32 -12.80
CA LYS B 246 9.44 38.62 -12.30
C LYS B 246 10.23 39.06 -11.08
N ASP B 247 10.44 38.15 -10.12
CA ASP B 247 11.04 38.49 -8.83
C ASP B 247 12.56 38.60 -8.90
N GLN B 248 13.22 37.80 -9.75
CA GLN B 248 14.67 37.73 -9.77
C GLN B 248 15.25 37.92 -11.16
N GLY B 249 14.43 38.21 -12.15
CA GLY B 249 14.89 38.57 -13.48
C GLY B 249 15.53 37.46 -14.28
N ILE B 250 15.37 36.20 -13.89
CA ILE B 250 15.97 35.08 -14.62
C ILE B 250 14.86 34.19 -15.18
N ASP B 251 14.98 33.84 -16.46
CA ASP B 251 14.09 32.91 -17.13
C ASP B 251 14.74 31.52 -17.12
N LEU B 252 14.20 30.62 -16.31
CA LEU B 252 14.81 29.29 -16.14
C LEU B 252 14.60 28.34 -17.32
N ARG B 253 13.80 28.70 -18.33
CA ARG B 253 13.34 27.71 -19.31
C ARG B 253 14.46 27.16 -20.19
N ASN B 254 15.50 27.93 -20.46
CA ASN B 254 16.62 27.44 -21.26
C ASN B 254 17.60 26.59 -20.48
N ASP B 255 17.33 26.29 -19.20
CA ASP B 255 18.26 25.56 -18.33
C ASP B 255 17.66 24.20 -17.99
N PRO B 256 18.00 23.13 -18.73
CA PRO B 256 17.34 21.82 -18.49
C PRO B 256 17.46 21.29 -17.10
N LEU B 257 18.63 21.40 -16.46
CA LEU B 257 18.76 20.90 -15.09
C LEU B 257 17.79 21.63 -14.15
N ALA B 258 17.75 22.96 -14.24
CA ALA B 258 16.86 23.73 -13.38
C ALA B 258 15.41 23.37 -13.68
N MET B 259 15.07 23.19 -14.95
CA MET B 259 13.67 22.86 -15.28
C MET B 259 13.30 21.48 -14.77
N GLN B 260 14.25 20.55 -14.76
CA GLN B 260 14.00 19.23 -14.21
C GLN B 260 13.69 19.33 -12.73
N ARG B 261 14.47 20.12 -12.00
CA ARG B 261 14.19 20.28 -10.58
C ARG B 261 12.85 20.95 -10.37
N LEU B 262 12.50 21.88 -11.23
CA LEU B 262 11.27 22.61 -11.02
C LEU B 262 10.07 21.72 -11.29
N LYS B 263 10.16 20.89 -12.33
CA LYS B 263 9.10 19.92 -12.64
C LYS B 263 8.87 18.99 -11.46
N GLU B 264 9.94 18.46 -10.90
CA GLU B 264 9.76 17.58 -9.74
C GLU B 264 9.19 18.33 -8.56
N ALA B 265 9.67 19.54 -8.31
CA ALA B 265 9.21 20.30 -7.16
C ALA B 265 7.75 20.72 -7.32
N ALA B 266 7.36 21.12 -8.53
CA ALA B 266 5.97 21.50 -8.77
C ALA B 266 5.03 20.32 -8.55
N GLU B 267 5.44 19.13 -8.99
CA GLU B 267 4.56 17.97 -8.79
C GLU B 267 4.42 17.63 -7.32
N LYS B 268 5.53 17.67 -6.56
CA LYS B 268 5.43 17.36 -5.13
C LYS B 268 4.57 18.40 -4.43
N ALA B 269 4.69 19.67 -4.84
CA ALA B 269 3.86 20.75 -4.28
C ALA B 269 2.37 20.54 -4.58
N LYS B 270 2.05 20.19 -5.83
CA LYS B 270 0.67 19.84 -6.18
C LYS B 270 0.15 18.76 -5.26
N ILE B 271 0.90 17.67 -5.12
CA ILE B 271 0.46 16.54 -4.33
C ILE B 271 0.25 16.98 -2.88
N GLU B 272 1.22 17.70 -2.31
CA GLU B 272 1.12 18.13 -0.91
C GLU B 272 -0.12 19.01 -0.71
N LEU B 273 -0.49 19.79 -1.71
CA LEU B 273 -1.66 20.66 -1.61
C LEU B 273 -2.98 19.91 -1.69
N SER B 274 -2.96 18.58 -1.86
CA SER B 274 -4.17 17.78 -1.68
C SER B 274 -4.42 17.50 -0.19
N SER B 275 -3.40 17.68 0.65
CA SER B 275 -3.44 17.44 2.08
C SER B 275 -3.33 18.72 2.91
N ALA B 276 -2.64 19.75 2.42
CA ALA B 276 -2.39 20.98 3.15
C ALA B 276 -2.96 22.17 2.42
N GLN B 277 -3.10 23.28 3.12
CA GLN B 277 -3.60 24.51 2.51
C GLN B 277 -2.49 25.35 1.91
N GLN B 278 -1.24 25.04 2.20
CA GLN B 278 -0.14 25.78 1.58
C GLN B 278 1.11 24.93 1.59
N THR B 279 2.06 25.32 0.76
CA THR B 279 3.31 24.58 0.70
C THR B 279 4.37 25.48 0.08
N ASP B 280 5.59 25.02 0.15
CA ASP B 280 6.77 25.83 -0.13
C ASP B 280 7.59 25.14 -1.22
N VAL B 281 7.79 25.80 -2.35
CA VAL B 281 8.72 25.30 -3.36
C VAL B 281 10.08 25.91 -3.05
N ASN B 282 11.02 25.08 -2.61
CA ASN B 282 12.32 25.53 -2.10
C ASN B 282 13.43 24.83 -2.89
N LEU B 283 14.11 25.56 -3.78
CA LEU B 283 15.16 24.99 -4.63
C LEU B 283 16.45 25.81 -4.52
N PRO B 284 17.35 25.43 -3.62
CA PRO B 284 18.62 26.16 -3.49
C PRO B 284 19.53 25.82 -4.66
N TYR B 285 20.40 26.78 -5.00
CA TYR B 285 21.37 26.62 -6.09
C TYR B 285 20.65 26.25 -7.39
N ILE B 286 19.56 26.96 -7.69
CA ILE B 286 18.77 26.58 -8.86
C ILE B 286 19.46 27.05 -10.12
N THR B 287 20.16 28.16 -10.03
CA THR B 287 21.04 28.62 -11.09
C THR B 287 22.07 29.57 -10.50
N ALA B 288 22.84 30.19 -11.37
CA ALA B 288 23.86 31.12 -10.93
C ALA B 288 24.22 32.05 -12.09
N ASP B 289 24.60 33.27 -11.74
CA ASP B 289 25.21 34.19 -12.70
C ASP B 289 26.50 34.73 -12.10
N ALA B 290 27.11 35.74 -12.73
CA ALA B 290 28.43 36.19 -12.28
C ALA B 290 28.43 36.73 -10.85
N THR B 291 27.26 37.06 -10.30
CA THR B 291 27.18 37.55 -8.93
C THR B 291 26.93 36.42 -7.92
N GLY B 292 26.97 35.17 -8.36
CA GLY B 292 26.86 34.07 -7.43
C GLY B 292 25.58 33.26 -7.59
N PRO B 293 25.34 32.36 -6.65
CA PRO B 293 24.21 31.43 -6.79
C PRO B 293 22.87 32.11 -6.57
N LYS B 294 21.83 31.47 -7.11
CA LYS B 294 20.46 31.94 -6.98
C LYS B 294 19.61 30.80 -6.44
N HIS B 295 18.57 31.16 -5.69
CA HIS B 295 17.79 30.20 -4.93
C HIS B 295 16.33 30.53 -5.12
N MET B 296 15.49 29.50 -5.23
CA MET B 296 14.06 29.69 -5.37
C MET B 296 13.36 29.36 -4.05
N ASN B 297 12.41 30.21 -3.67
CA ASN B 297 11.56 29.92 -2.52
C ASN B 297 10.24 30.62 -2.76
N ILE B 298 9.23 29.85 -3.12
CA ILE B 298 7.95 30.40 -3.52
C ILE B 298 6.87 29.64 -2.77
N LYS B 299 5.99 30.40 -2.11
CA LYS B 299 4.85 29.84 -1.40
C LYS B 299 3.69 29.67 -2.40
N VAL B 300 3.06 28.50 -2.34
CA VAL B 300 1.90 28.20 -3.18
C VAL B 300 0.77 27.75 -2.25
N THR B 301 -0.33 28.47 -2.30
CA THR B 301 -1.53 28.08 -1.56
C THR B 301 -2.38 27.13 -2.41
N ARG B 302 -3.21 26.36 -1.74
CA ARG B 302 -4.18 25.56 -2.46
C ARG B 302 -5.08 26.44 -3.32
N ALA B 303 -5.51 27.58 -2.79
CA ALA B 303 -6.36 28.45 -3.58
C ALA B 303 -5.64 28.87 -4.85
N LYS B 304 -4.35 29.12 -4.76
CA LYS B 304 -3.61 29.48 -5.96
C LYS B 304 -3.56 28.29 -6.94
N LEU B 305 -3.31 27.09 -6.43
CA LEU B 305 -3.34 25.92 -7.31
C LEU B 305 -4.71 25.75 -7.96
N GLU B 306 -5.78 25.80 -7.15
CA GLU B 306 -7.13 25.61 -7.72
C GLU B 306 -7.39 26.62 -8.83
N SER B 307 -6.89 27.83 -8.67
CA SER B 307 -7.04 28.83 -9.72
C SER B 307 -6.26 28.47 -10.97
N LEU B 308 -5.11 27.81 -10.82
CA LEU B 308 -4.28 27.54 -12.00
C LEU B 308 -4.86 26.44 -12.85
N VAL B 309 -5.60 25.50 -12.23
CA VAL B 309 -6.06 24.28 -12.88
C VAL B 309 -7.59 24.14 -12.91
N GLU B 310 -8.32 25.18 -12.49
CA GLU B 310 -9.79 25.09 -12.43
C GLU B 310 -10.39 24.66 -13.76
N ASP B 311 -9.91 25.26 -14.84
CA ASP B 311 -10.50 25.00 -16.14
C ASP B 311 -10.22 23.58 -16.61
N LEU B 312 -9.10 22.99 -16.18
CA LEU B 312 -8.82 21.61 -16.51
C LEU B 312 -9.83 20.70 -15.85
N VAL B 313 -10.14 21.00 -14.59
CA VAL B 313 -11.09 20.18 -13.90
C VAL B 313 -12.47 20.35 -14.51
N ASN B 314 -12.84 21.59 -14.85
CA ASN B 314 -14.15 21.87 -15.45
C ASN B 314 -14.27 21.21 -16.82
N ARG B 315 -13.20 21.15 -17.58
CA ARG B 315 -13.27 20.46 -18.85
C ARG B 315 -13.52 18.97 -18.72
N SER B 316 -13.36 18.37 -17.54
CA SER B 316 -13.66 16.94 -17.43
C SER B 316 -15.17 16.64 -17.42
N ILE B 317 -16.00 17.65 -17.31
CA ILE B 317 -17.43 17.43 -17.14
C ILE B 317 -18.12 17.12 -18.46
N GLU B 318 -17.72 17.77 -19.54
CA GLU B 318 -18.45 17.61 -20.79
C GLU B 318 -18.33 16.19 -21.26
N PRO B 319 -17.17 15.52 -21.17
CA PRO B 319 -17.12 14.10 -21.56
C PRO B 319 -18.04 13.21 -20.73
N LEU B 320 -18.27 13.56 -19.46
CA LEU B 320 -19.25 12.82 -18.66
C LEU B 320 -20.66 12.94 -19.23
N LYS B 321 -21.04 14.15 -19.64
CA LYS B 321 -22.39 14.35 -20.18
C LYS B 321 -22.58 13.59 -21.46
N VAL B 322 -21.57 13.64 -22.34
CA VAL B 322 -21.60 12.89 -23.61
C VAL B 322 -21.68 11.39 -23.37
N ALA B 323 -20.86 10.87 -22.44
CA ALA B 323 -20.89 9.45 -22.14
C ALA B 323 -22.28 9.00 -21.71
N LEU B 324 -22.93 9.79 -20.83
CA LEU B 324 -24.28 9.42 -20.41
C LEU B 324 -25.27 9.47 -21.58
N GLN B 325 -25.17 10.47 -22.45
CA GLN B 325 -26.00 10.52 -23.65
C GLN B 325 -25.78 9.30 -24.50
N ASP B 326 -24.52 8.91 -24.67
CA ASP B 326 -24.25 7.77 -25.53
C ASP B 326 -24.68 6.45 -24.90
N ALA B 327 -24.78 6.37 -23.57
CA ALA B 327 -25.37 5.20 -22.95
C ALA B 327 -26.90 5.29 -22.84
N GLY B 328 -27.50 6.42 -23.20
CA GLY B 328 -28.92 6.63 -23.04
C GLY B 328 -29.38 6.73 -21.61
N LEU B 329 -28.50 7.16 -20.69
CA LEU B 329 -28.81 7.12 -19.27
C LEU B 329 -28.86 8.52 -18.70
N SER B 330 -29.59 8.64 -17.61
CA SER B 330 -29.58 9.81 -16.75
C SER B 330 -28.59 9.61 -15.59
N VAL B 331 -28.22 10.72 -14.94
CA VAL B 331 -27.48 10.66 -13.67
C VAL B 331 -28.18 9.78 -12.65
N SER B 332 -29.51 9.75 -12.66
CA SER B 332 -30.28 8.98 -11.69
C SER B 332 -30.12 7.49 -11.87
N ASP B 333 -29.60 7.05 -13.01
CA ASP B 333 -29.32 5.65 -13.34
C ASP B 333 -27.95 5.18 -12.84
N ILE B 334 -27.08 6.09 -12.39
CA ILE B 334 -25.73 5.76 -11.94
C ILE B 334 -25.83 5.44 -10.46
N ASP B 335 -25.62 4.18 -10.11
CA ASP B 335 -25.73 3.73 -8.73
C ASP B 335 -24.45 3.96 -7.92
N ASP B 336 -23.30 3.96 -8.57
CA ASP B 336 -22.07 4.26 -7.87
C ASP B 336 -21.12 4.99 -8.79
N VAL B 337 -20.33 5.87 -8.20
CA VAL B 337 -19.28 6.61 -8.88
C VAL B 337 -17.95 6.15 -8.29
N ILE B 338 -17.01 5.78 -9.19
CA ILE B 338 -15.71 5.19 -8.84
C ILE B 338 -14.60 6.13 -9.32
N LEU B 339 -13.80 6.66 -8.39
CA LEU B 339 -12.63 7.46 -8.76
C LEU B 339 -11.41 6.55 -8.93
N VAL B 340 -10.71 6.73 -10.05
CA VAL B 340 -9.46 6.04 -10.35
C VAL B 340 -8.46 7.12 -10.74
N GLY B 341 -7.21 6.92 -10.37
CA GLY B 341 -6.17 7.84 -10.72
C GLY B 341 -5.72 8.75 -9.57
N GLY B 342 -4.41 8.96 -9.46
CA GLY B 342 -3.88 9.74 -8.36
C GLY B 342 -4.38 11.15 -8.36
N GLN B 343 -4.70 11.67 -9.52
CA GLN B 343 -5.10 13.06 -9.64
C GLN B 343 -6.52 13.31 -9.14
N THR B 344 -7.32 12.24 -8.95
CA THR B 344 -8.62 12.37 -8.29
C THR B 344 -8.50 12.64 -6.80
N ARG B 345 -7.31 12.52 -6.22
CA ARG B 345 -7.17 12.82 -4.79
C ARG B 345 -7.18 14.31 -4.51
N MET B 346 -7.15 15.15 -5.53
CA MET B 346 -7.31 16.58 -5.32
C MET B 346 -8.72 16.91 -4.84
N PRO B 347 -8.88 17.62 -3.72
CA PRO B 347 -10.25 17.91 -3.25
C PRO B 347 -11.12 18.62 -4.28
N MET B 348 -10.58 19.54 -5.08
CA MET B 348 -11.40 20.18 -6.09
C MET B 348 -11.98 19.17 -7.08
N VAL B 349 -11.21 18.14 -7.45
CA VAL B 349 -11.72 17.13 -8.39
C VAL B 349 -12.85 16.37 -7.75
N GLN B 350 -12.61 15.90 -6.53
CA GLN B 350 -13.59 15.11 -5.81
C GLN B 350 -14.90 15.85 -5.67
N LYS B 351 -14.83 17.14 -5.34
CA LYS B 351 -16.04 17.91 -5.09
C LYS B 351 -16.79 18.13 -6.38
N LYS B 352 -16.07 18.42 -7.46
CA LYS B 352 -16.72 18.63 -8.75
C LYS B 352 -17.41 17.37 -9.25
N VAL B 353 -16.80 16.21 -9.04
CA VAL B 353 -17.43 14.95 -9.46
C VAL B 353 -18.66 14.66 -8.59
N ALA B 354 -18.54 14.80 -7.27
CA ALA B 354 -19.69 14.55 -6.39
C ALA B 354 -20.85 15.48 -6.71
N GLU B 355 -20.56 16.74 -7.05
CA GLU B 355 -21.62 17.65 -7.46
C GLU B 355 -22.30 17.20 -8.74
N PHE B 356 -21.53 16.75 -9.71
CA PHE B 356 -22.15 16.39 -10.97
C PHE B 356 -23.09 15.20 -10.79
N PHE B 357 -22.64 14.18 -10.07
CA PHE B 357 -23.44 12.98 -9.94
C PHE B 357 -24.46 13.06 -8.83
N GLY B 358 -24.31 14.04 -7.93
CA GLY B 358 -25.18 14.16 -6.77
C GLY B 358 -25.01 13.07 -5.75
N LYS B 359 -23.86 12.42 -5.71
CA LYS B 359 -23.59 11.42 -4.69
C LYS B 359 -22.09 11.31 -4.52
N GLU B 360 -21.69 10.86 -3.33
CA GLU B 360 -20.27 10.73 -2.99
C GLU B 360 -19.66 9.50 -3.67
N PRO B 361 -18.50 9.63 -4.31
CA PRO B 361 -17.83 8.45 -4.86
C PRO B 361 -17.58 7.45 -3.75
N ARG B 362 -17.49 6.20 -4.16
CA ARG B 362 -17.21 5.12 -3.23
C ARG B 362 -15.85 5.38 -2.59
N LYS B 363 -15.70 5.00 -1.32
CA LYS B 363 -14.45 5.22 -0.62
C LYS B 363 -13.65 3.94 -0.46
N ASP B 364 -14.24 2.80 -0.81
CA ASP B 364 -13.63 1.49 -0.63
C ASP B 364 -12.96 0.99 -1.91
N VAL B 365 -12.67 1.87 -2.83
CA VAL B 365 -11.96 1.54 -4.06
C VAL B 365 -10.70 2.38 -4.05
N ASN B 366 -9.55 1.72 -4.16
CA ASN B 366 -8.29 2.41 -4.10
C ASN B 366 -7.93 2.94 -5.48
N PRO B 367 -7.80 4.25 -5.66
CA PRO B 367 -7.63 4.79 -7.01
C PRO B 367 -6.28 4.49 -7.62
N ASP B 368 -5.29 4.09 -6.83
CA ASP B 368 -3.99 3.72 -7.36
C ASP B 368 -3.88 2.26 -7.72
N GLU B 369 -4.76 1.41 -7.16
CA GLU B 369 -4.60 -0.03 -7.23
C GLU B 369 -5.75 -0.73 -7.93
N ALA B 370 -6.90 -0.08 -8.12
CA ALA B 370 -8.05 -0.80 -8.66
C ALA B 370 -7.79 -1.36 -10.05
N VAL B 371 -7.01 -0.64 -10.88
CA VAL B 371 -6.78 -1.13 -12.23
C VAL B 371 -5.95 -2.41 -12.21
N ALA B 372 -4.89 -2.44 -11.43
CA ALA B 372 -4.10 -3.66 -11.39
C ALA B 372 -4.92 -4.81 -10.82
N ILE B 373 -5.73 -4.54 -9.80
CA ILE B 373 -6.55 -5.58 -9.17
C ILE B 373 -7.49 -6.21 -10.18
N GLY B 374 -8.14 -5.38 -11.00
CA GLY B 374 -9.02 -5.92 -12.02
C GLY B 374 -8.27 -6.70 -13.09
N ALA B 375 -7.08 -6.24 -13.44
CA ALA B 375 -6.30 -7.02 -14.38
C ALA B 375 -6.04 -8.41 -13.81
N ALA B 376 -5.71 -8.49 -12.52
CA ALA B 376 -5.53 -9.76 -11.87
C ALA B 376 -6.82 -10.59 -11.89
N VAL B 377 -7.97 -9.96 -11.62
CA VAL B 377 -9.23 -10.67 -11.69
C VAL B 377 -9.42 -11.27 -13.08
N GLN B 378 -9.21 -10.46 -14.13
CA GLN B 378 -9.36 -10.99 -15.49
C GLN B 378 -8.40 -12.15 -15.72
N GLY B 379 -7.19 -12.07 -15.19
CA GLY B 379 -6.27 -13.19 -15.25
C GLY B 379 -6.84 -14.44 -14.60
N GLY B 380 -7.39 -14.28 -13.40
CA GLY B 380 -8.04 -15.39 -12.71
C GLY B 380 -9.25 -15.95 -13.44
N VAL B 381 -10.01 -15.11 -14.14
CA VAL B 381 -11.08 -15.64 -14.97
C VAL B 381 -10.50 -16.55 -16.04
N LEU B 382 -9.38 -16.14 -16.65
CA LEU B 382 -8.80 -16.89 -17.75
C LEU B 382 -8.14 -18.18 -17.29
N THR B 383 -7.68 -18.25 -16.05
CA THR B 383 -7.12 -19.49 -15.54
C THR B 383 -8.16 -20.44 -14.98
N GLY B 384 -9.42 -19.99 -14.88
CA GLY B 384 -10.47 -20.79 -14.28
C GLY B 384 -10.56 -20.71 -12.78
N ASP B 385 -9.66 -19.96 -12.14
CA ASP B 385 -9.74 -19.74 -10.70
C ASP B 385 -10.84 -18.75 -10.29
N VAL B 386 -11.19 -17.77 -11.13
CA VAL B 386 -12.32 -16.89 -10.83
C VAL B 386 -13.51 -17.39 -11.64
N LYS B 387 -14.57 -17.78 -10.95
CA LYS B 387 -15.74 -18.32 -11.60
C LYS B 387 -16.88 -17.32 -11.53
N ASP B 388 -17.85 -17.50 -12.43
CA ASP B 388 -19.08 -16.71 -12.44
C ASP B 388 -18.82 -15.22 -12.64
N VAL B 389 -17.76 -14.87 -13.37
CA VAL B 389 -17.43 -13.50 -13.75
C VAL B 389 -17.15 -13.50 -15.25
N LEU B 390 -17.82 -12.61 -15.97
CA LEU B 390 -17.74 -12.56 -17.42
C LEU B 390 -17.70 -11.12 -17.88
N LEU B 391 -16.67 -10.79 -18.64
CA LEU B 391 -16.68 -9.57 -19.44
C LEU B 391 -17.58 -9.77 -20.66
N LEU B 392 -18.64 -9.00 -20.74
CA LEU B 392 -19.61 -9.06 -21.82
C LEU B 392 -19.28 -7.97 -22.86
N ASP B 393 -18.97 -8.41 -24.07
CA ASP B 393 -18.64 -7.55 -25.23
C ASP B 393 -19.35 -8.18 -26.44
N VAL B 394 -20.49 -7.61 -26.83
CA VAL B 394 -21.31 -8.15 -27.91
C VAL B 394 -21.71 -7.05 -28.87
N THR B 395 -21.93 -7.43 -30.13
CA THR B 395 -22.37 -6.48 -31.13
C THR B 395 -23.78 -6.03 -30.79
N PRO B 396 -24.05 -4.73 -30.80
CA PRO B 396 -25.42 -4.29 -30.50
C PRO B 396 -26.42 -4.53 -31.61
N LEU B 397 -26.00 -4.48 -32.88
CA LEU B 397 -26.89 -4.61 -34.03
C LEU B 397 -26.24 -5.47 -35.08
N SER B 398 -27.05 -5.98 -36.01
CA SER B 398 -26.50 -6.76 -37.12
C SER B 398 -25.65 -5.90 -38.01
N LEU B 399 -24.63 -6.54 -38.60
CA LEU B 399 -23.68 -5.91 -39.51
C LEU B 399 -23.68 -6.70 -40.83
N GLY B 400 -23.68 -5.99 -41.94
CA GLY B 400 -23.77 -6.69 -43.21
C GLY B 400 -23.46 -5.78 -44.36
N ILE B 401 -23.87 -6.21 -45.56
CA ILE B 401 -23.63 -5.45 -46.78
C ILE B 401 -24.89 -5.43 -47.63
N GLU B 402 -24.92 -4.47 -48.55
CA GLU B 402 -26.02 -4.37 -49.49
C GLU B 402 -25.78 -5.34 -50.64
N THR B 403 -26.77 -6.15 -50.95
CA THR B 403 -26.77 -6.99 -52.14
C THR B 403 -27.91 -6.58 -53.07
N MET B 404 -27.92 -7.24 -54.23
CA MET B 404 -28.76 -6.86 -55.34
C MET B 404 -30.21 -6.73 -54.89
N GLY B 405 -30.86 -5.66 -55.35
CA GLY B 405 -32.24 -5.39 -54.95
C GLY B 405 -32.38 -4.46 -53.77
N GLY B 406 -31.29 -3.83 -53.32
CA GLY B 406 -31.32 -2.97 -52.16
C GLY B 406 -31.59 -3.71 -50.87
N VAL B 407 -31.03 -4.91 -50.72
CA VAL B 407 -31.24 -5.77 -49.56
C VAL B 407 -30.05 -5.71 -48.62
N MET B 408 -30.32 -5.75 -47.31
CA MET B 408 -29.24 -5.94 -46.33
C MET B 408 -29.04 -7.42 -46.08
N THR B 409 -27.84 -7.88 -46.33
CA THR B 409 -27.44 -9.26 -46.09
C THR B 409 -26.52 -9.23 -44.89
N THR B 410 -26.88 -9.96 -43.83
CA THR B 410 -26.12 -9.91 -42.59
C THR B 410 -24.88 -10.78 -42.63
N LEU B 411 -23.76 -10.23 -42.20
CA LEU B 411 -22.54 -11.02 -42.00
C LEU B 411 -22.32 -11.39 -40.57
N ILE B 412 -22.64 -10.48 -39.63
CA ILE B 412 -22.52 -10.74 -38.21
C ILE B 412 -23.83 -10.40 -37.55
N ALA B 413 -24.48 -11.39 -36.97
CA ALA B 413 -25.78 -11.12 -36.38
C ALA B 413 -25.61 -10.31 -35.10
N LYS B 414 -26.65 -9.57 -34.77
CA LYS B 414 -26.77 -8.88 -33.48
C LYS B 414 -26.44 -9.81 -32.32
N ASN B 415 -25.80 -9.27 -31.27
CA ASN B 415 -25.48 -10.00 -30.03
C ASN B 415 -24.43 -11.07 -30.25
N THR B 416 -23.55 -10.89 -31.23
CA THR B 416 -22.42 -11.78 -31.38
C THR B 416 -21.29 -11.33 -30.46
N THR B 417 -20.71 -12.28 -29.75
CA THR B 417 -19.60 -12.00 -28.84
C THR B 417 -18.39 -11.59 -29.65
N ILE B 418 -17.73 -10.53 -29.21
CA ILE B 418 -16.52 -10.08 -29.89
C ILE B 418 -15.30 -10.50 -29.06
N PRO B 419 -14.16 -10.80 -29.68
CA PRO B 419 -13.89 -10.77 -31.13
C PRO B 419 -14.58 -11.87 -31.93
N THR B 420 -14.78 -11.55 -33.21
CA THR B 420 -15.47 -12.47 -34.11
C THR B 420 -15.04 -12.17 -35.54
N LYS B 421 -15.17 -13.20 -36.39
CA LYS B 421 -14.84 -13.11 -37.82
C LYS B 421 -15.83 -13.97 -38.58
N HIS B 422 -16.44 -13.41 -39.59
CA HIS B 422 -17.33 -14.18 -40.45
C HIS B 422 -17.15 -13.78 -41.90
N SER B 423 -17.14 -14.78 -42.78
CA SER B 423 -16.95 -14.60 -44.22
C SER B 423 -18.13 -15.17 -44.99
N GLN B 424 -18.42 -14.58 -46.15
CA GLN B 424 -19.40 -15.13 -47.08
C GLN B 424 -18.96 -14.78 -48.49
N VAL B 425 -19.26 -15.67 -49.45
CA VAL B 425 -18.88 -15.46 -50.84
C VAL B 425 -20.05 -14.92 -51.62
N PHE B 426 -19.80 -13.82 -52.35
CA PHE B 426 -20.75 -13.16 -53.23
C PHE B 426 -20.24 -13.20 -54.68
N SER B 427 -21.10 -12.82 -55.62
CA SER B 427 -20.71 -12.75 -57.04
C SER B 427 -21.25 -11.47 -57.63
N THR B 428 -21.16 -11.36 -58.96
CA THR B 428 -21.51 -10.15 -59.69
C THR B 428 -22.94 -10.22 -60.22
N ALA B 429 -23.56 -9.05 -60.33
CA ALA B 429 -24.92 -8.95 -60.82
C ALA B 429 -25.03 -8.85 -62.34
N GLU B 430 -23.98 -8.41 -63.03
CA GLU B 430 -23.99 -8.21 -64.48
C GLU B 430 -22.86 -8.98 -65.16
N ASP B 431 -23.14 -9.46 -66.38
CA ASP B 431 -22.09 -10.07 -67.19
C ASP B 431 -20.91 -9.12 -67.32
N ASN B 432 -19.70 -9.65 -67.14
CA ASN B 432 -18.46 -8.91 -67.38
C ASN B 432 -18.29 -7.69 -66.46
N GLN B 433 -18.92 -7.72 -65.30
CA GLN B 433 -18.76 -6.65 -64.33
C GLN B 433 -17.31 -6.60 -63.85
N SER B 434 -16.71 -5.42 -63.87
CA SER B 434 -15.29 -5.28 -63.52
C SER B 434 -15.05 -4.92 -62.05
N ALA B 435 -16.09 -4.57 -61.32
CA ALA B 435 -15.94 -4.10 -59.95
C ALA B 435 -17.21 -4.38 -59.16
N VAL B 436 -17.05 -4.57 -57.86
CA VAL B 436 -18.20 -4.64 -56.96
C VAL B 436 -18.09 -3.57 -55.89
N THR B 437 -19.25 -3.08 -55.41
CA THR B 437 -19.33 -2.06 -54.34
C THR B 437 -19.73 -2.75 -53.03
N ILE B 438 -18.84 -2.69 -52.04
CA ILE B 438 -19.10 -3.23 -50.71
C ILE B 438 -19.65 -2.08 -49.88
N HIS B 439 -20.94 -2.11 -49.65
CA HIS B 439 -21.63 -1.07 -48.88
C HIS B 439 -22.01 -1.66 -47.53
N VAL B 440 -21.34 -1.19 -46.49
CA VAL B 440 -21.41 -1.75 -45.13
C VAL B 440 -22.58 -1.11 -44.38
N LEU B 441 -23.38 -1.95 -43.72
CA LEU B 441 -24.65 -1.55 -43.12
C LEU B 441 -24.79 -2.09 -41.69
N GLN B 442 -25.53 -1.35 -40.88
CA GLN B 442 -25.78 -1.70 -39.48
C GLN B 442 -27.26 -1.51 -39.19
N GLY B 443 -27.90 -2.58 -38.74
CA GLY B 443 -29.30 -2.51 -38.38
C GLY B 443 -29.98 -3.83 -38.63
N GLU B 444 -31.28 -3.85 -38.29
CA GLU B 444 -32.08 -5.07 -38.27
C GLU B 444 -33.15 -5.12 -39.36
N ARG B 445 -33.20 -4.14 -40.23
CA ARG B 445 -34.19 -4.11 -41.28
C ARG B 445 -33.64 -4.81 -42.51
N LYS B 446 -34.54 -5.22 -43.42
CA LYS B 446 -34.15 -5.97 -44.60
C LYS B 446 -33.86 -5.09 -45.78
N ARG B 447 -34.44 -3.89 -45.80
CA ARG B 447 -34.12 -2.89 -46.81
C ARG B 447 -32.87 -2.15 -46.38
N ALA B 448 -31.85 -2.17 -47.25
CA ALA B 448 -30.60 -1.50 -46.93
C ALA B 448 -30.87 -0.07 -46.53
N ALA B 449 -31.78 0.60 -47.24
CA ALA B 449 -32.03 2.01 -46.99
C ALA B 449 -32.69 2.25 -45.64
N ASP B 450 -33.25 1.24 -45.00
CA ASP B 450 -33.76 1.40 -43.65
C ASP B 450 -32.69 1.14 -42.55
N ASN B 451 -31.45 0.89 -42.91
CA ASN B 451 -30.38 0.70 -41.92
C ASN B 451 -29.40 1.85 -42.02
N LYS B 452 -28.45 1.86 -41.09
CA LYS B 452 -27.39 2.87 -41.07
C LYS B 452 -26.23 2.42 -41.96
N SER B 453 -25.81 3.32 -42.84
CA SER B 453 -24.65 3.13 -43.69
C SER B 453 -23.38 3.51 -42.93
N LEU B 454 -22.46 2.56 -42.86
CA LEU B 454 -21.18 2.77 -42.20
C LEU B 454 -20.03 3.11 -43.14
N GLY B 455 -20.23 3.01 -44.44
CA GLY B 455 -19.13 3.24 -45.34
C GLY B 455 -19.24 2.29 -46.51
N GLN B 456 -18.44 2.54 -47.54
CA GLN B 456 -18.45 1.68 -48.69
C GLN B 456 -17.12 1.80 -49.38
N PHE B 457 -16.83 0.80 -50.20
CA PHE B 457 -15.61 0.80 -50.98
C PHE B 457 -15.80 -0.15 -52.15
N ASN B 458 -14.98 0.03 -53.18
CA ASN B 458 -15.07 -0.79 -54.38
C ASN B 458 -13.92 -1.78 -54.41
N LEU B 459 -14.20 -2.97 -54.94
CA LEU B 459 -13.15 -3.91 -55.29
C LEU B 459 -13.17 -3.97 -56.82
N ASP B 460 -12.05 -3.61 -57.43
CA ASP B 460 -11.95 -3.50 -58.88
C ASP B 460 -11.13 -4.67 -59.40
N GLY B 461 -10.94 -4.69 -60.72
CA GLY B 461 -10.08 -5.69 -61.31
C GLY B 461 -10.72 -7.03 -61.58
N ILE B 462 -12.04 -7.11 -61.52
CA ILE B 462 -12.64 -8.42 -61.71
C ILE B 462 -12.48 -8.83 -63.17
N ASN B 463 -12.00 -10.05 -63.40
CA ASN B 463 -11.79 -10.53 -64.76
C ASN B 463 -13.15 -10.81 -65.42
N PRO B 464 -13.29 -10.56 -66.72
CA PRO B 464 -14.58 -10.76 -67.38
C PRO B 464 -15.08 -12.20 -67.25
N ALA B 465 -16.35 -12.32 -66.89
CA ALA B 465 -16.99 -13.60 -66.65
C ALA B 465 -18.48 -13.34 -66.60
N PRO B 466 -19.29 -14.38 -66.76
CA PRO B 466 -20.73 -14.16 -66.69
C PRO B 466 -21.16 -13.83 -65.26
N ARG B 467 -22.31 -13.14 -65.18
CA ARG B 467 -22.90 -12.84 -63.89
C ARG B 467 -22.97 -14.13 -63.06
N GLY B 468 -22.69 -14.02 -61.75
CA GLY B 468 -22.70 -15.16 -60.86
C GLY B 468 -21.46 -16.00 -60.83
N MET B 469 -20.49 -15.77 -61.70
CA MET B 469 -19.33 -16.64 -61.78
C MET B 469 -18.18 -16.18 -60.88
N PRO B 470 -17.86 -14.90 -60.83
CA PRO B 470 -16.79 -14.49 -59.93
C PRO B 470 -17.13 -14.81 -58.48
N GLN B 471 -16.10 -15.06 -57.67
CA GLN B 471 -16.29 -15.33 -56.24
C GLN B 471 -15.58 -14.27 -55.43
N ILE B 472 -16.36 -13.40 -54.82
CA ILE B 472 -15.85 -12.31 -54.01
C ILE B 472 -16.08 -12.70 -52.56
N GLU B 473 -15.00 -13.01 -51.85
CA GLU B 473 -15.11 -13.36 -50.45
C GLU B 473 -15.11 -12.06 -49.65
N VAL B 474 -16.19 -11.81 -48.90
CA VAL B 474 -16.31 -10.66 -48.00
C VAL B 474 -16.17 -11.15 -46.56
N THR B 475 -15.27 -10.50 -45.81
CA THR B 475 -14.96 -10.86 -44.43
C THR B 475 -15.21 -9.66 -43.52
N PHE B 476 -15.94 -9.90 -42.44
CA PHE B 476 -16.16 -8.95 -41.34
C PHE B 476 -15.38 -9.45 -40.13
N ASP B 477 -14.47 -8.64 -39.62
CA ASP B 477 -13.70 -9.05 -38.46
C ASP B 477 -13.79 -7.95 -37.40
N ILE B 478 -14.20 -8.31 -36.20
CA ILE B 478 -14.23 -7.37 -35.08
C ILE B 478 -13.20 -7.82 -34.05
N ASP B 479 -12.24 -6.95 -33.77
CA ASP B 479 -11.16 -7.31 -32.84
C ASP B 479 -11.54 -6.93 -31.41
N CYS B 480 -10.66 -7.29 -30.48
CA CYS B 480 -10.88 -7.02 -29.06
C CYS B 480 -11.13 -5.54 -28.78
N ASP B 481 -10.46 -4.67 -29.51
CA ASP B 481 -10.70 -3.22 -29.41
C ASP B 481 -12.05 -2.78 -30.00
N GLY B 482 -12.90 -3.69 -30.48
CA GLY B 482 -14.19 -3.31 -31.03
C GLY B 482 -14.14 -2.70 -32.41
N ILE B 483 -12.98 -2.72 -33.05
CA ILE B 483 -12.82 -2.15 -34.38
C ILE B 483 -13.20 -3.18 -35.42
N LEU B 484 -14.04 -2.75 -36.36
CA LEU B 484 -14.56 -3.61 -37.43
C LEU B 484 -13.69 -3.46 -38.68
N HIS B 485 -13.15 -4.59 -39.15
CA HIS B 485 -12.40 -4.66 -40.41
C HIS B 485 -13.23 -5.38 -41.47
N VAL B 486 -13.47 -4.73 -42.60
CA VAL B 486 -14.20 -5.35 -43.69
C VAL B 486 -13.26 -5.47 -44.90
N SER B 487 -13.14 -6.67 -45.42
CA SER B 487 -12.32 -6.89 -46.59
C SER B 487 -13.10 -7.66 -47.64
N ALA B 488 -12.73 -7.43 -48.89
CA ALA B 488 -13.26 -8.18 -50.02
C ALA B 488 -12.11 -8.64 -50.90
N LYS B 489 -12.15 -9.90 -51.29
CA LYS B 489 -11.09 -10.51 -52.08
C LYS B 489 -11.69 -11.27 -53.24
N ASP B 490 -11.20 -10.98 -54.45
CA ASP B 490 -11.54 -11.74 -55.65
C ASP B 490 -10.65 -12.98 -55.67
N LYS B 491 -11.24 -14.16 -55.57
CA LYS B 491 -10.43 -15.37 -55.45
C LYS B 491 -9.72 -15.71 -56.77
N ASN B 492 -10.25 -15.32 -57.91
CA ASN B 492 -9.59 -15.72 -59.14
C ASN B 492 -8.55 -14.71 -59.61
N SER B 493 -8.65 -13.44 -59.22
CA SER B 493 -7.65 -12.43 -59.60
C SER B 493 -6.63 -12.15 -58.51
N GLY B 494 -6.89 -12.56 -57.27
CA GLY B 494 -6.03 -12.26 -56.14
C GLY B 494 -6.22 -10.87 -55.57
N LYS B 495 -7.00 -10.00 -56.21
CA LYS B 495 -7.13 -8.62 -55.77
C LYS B 495 -7.88 -8.50 -54.45
N GLU B 496 -7.45 -7.57 -53.62
CA GLU B 496 -8.10 -7.38 -52.33
C GLU B 496 -8.18 -5.91 -51.99
N GLN B 497 -9.24 -5.56 -51.25
CA GLN B 497 -9.40 -4.22 -50.70
C GLN B 497 -10.05 -4.32 -49.32
N LYS B 498 -9.79 -3.34 -48.46
CA LYS B 498 -10.33 -3.41 -47.10
C LYS B 498 -10.55 -2.01 -46.55
N ILE B 499 -11.43 -1.93 -45.55
CA ILE B 499 -11.66 -0.69 -44.81
C ILE B 499 -11.72 -1.02 -43.33
N THR B 500 -11.59 0.03 -42.51
CA THR B 500 -11.62 -0.04 -41.07
C THR B 500 -12.70 0.90 -40.56
N ILE B 501 -13.53 0.40 -39.64
CA ILE B 501 -14.65 1.15 -39.08
C ILE B 501 -14.51 1.16 -37.57
N LYS B 502 -14.42 2.37 -37.00
CA LYS B 502 -14.20 2.54 -35.58
C LYS B 502 -15.42 2.09 -34.78
N ALA B 503 -15.17 1.73 -33.52
CA ALA B 503 -16.24 1.38 -32.60
C ALA B 503 -17.14 2.58 -32.32
N SER B 504 -18.41 2.29 -32.02
CA SER B 504 -19.29 3.31 -31.46
C SER B 504 -18.79 3.71 -30.07
N SER B 505 -19.02 4.96 -29.72
CA SER B 505 -18.57 5.44 -28.42
C SER B 505 -19.47 4.96 -27.30
N GLY B 506 -20.68 4.49 -27.61
CA GLY B 506 -21.60 3.99 -26.60
C GLY B 506 -22.54 2.97 -27.18
N LEU B 507 -23.23 2.29 -26.26
CA LEU B 507 -24.24 1.29 -26.54
C LEU B 507 -25.47 1.77 -25.77
N ASN B 508 -26.41 2.33 -26.50
CA ASN B 508 -27.61 2.96 -25.94
C ASN B 508 -28.71 1.92 -25.98
N GLU B 509 -28.90 1.20 -24.86
CA GLU B 509 -29.83 0.07 -24.88
C GLU B 509 -31.27 0.53 -25.07
N ASP B 510 -31.62 1.70 -24.56
CA ASP B 510 -32.94 2.24 -24.81
C ASP B 510 -33.22 2.31 -26.31
N GLU B 511 -32.29 2.90 -27.08
CA GLU B 511 -32.47 3.09 -28.51
C GLU B 511 -32.29 1.79 -29.28
N ILE B 512 -31.33 0.94 -28.89
CA ILE B 512 -31.19 -0.36 -29.57
C ILE B 512 -32.46 -1.20 -29.46
N GLN B 513 -33.06 -1.25 -28.27
CA GLN B 513 -34.27 -2.06 -28.08
C GLN B 513 -35.45 -1.46 -28.82
N LYS B 514 -35.49 -0.14 -28.96
CA LYS B 514 -36.50 0.46 -29.83
C LYS B 514 -36.32 -0.02 -31.26
N MET B 515 -35.07 -0.12 -31.73
CA MET B 515 -34.83 -0.53 -33.11
CA MET B 515 -34.84 -0.52 -33.11
C MET B 515 -35.22 -1.99 -33.31
N VAL B 516 -34.94 -2.81 -32.33
CA VAL B 516 -35.30 -4.21 -32.39
C VAL B 516 -36.80 -4.36 -32.48
N ARG B 517 -37.55 -3.61 -31.64
CA ARG B 517 -38.99 -3.70 -31.69
C ARG B 517 -39.52 -3.19 -33.03
N ASP B 518 -38.94 -2.09 -33.53
N ASP B 518 -38.88 -2.13 -33.57
CA ASP B 518 -39.30 -1.58 -34.85
CA ASP B 518 -39.26 -1.55 -34.85
C ASP B 518 -39.16 -2.68 -35.90
C ASP B 518 -39.06 -2.53 -36.01
N ALA B 519 -37.99 -3.33 -35.96
CA ALA B 519 -37.81 -4.38 -36.95
C ALA B 519 -38.85 -5.47 -36.80
N GLU B 520 -39.12 -5.87 -35.56
CA GLU B 520 -40.10 -6.91 -35.30
C GLU B 520 -41.49 -6.49 -35.73
N ALA B 521 -41.83 -5.19 -35.57
CA ALA B 521 -43.14 -4.71 -36.00
C ALA B 521 -43.27 -4.68 -37.50
N ASN B 522 -42.16 -4.55 -38.20
CA ASN B 522 -42.15 -4.44 -39.65
C ASN B 522 -41.66 -5.74 -40.27
N ALA B 523 -41.75 -6.84 -39.53
CA ALA B 523 -41.20 -8.08 -40.04
C ALA B 523 -41.96 -8.56 -41.29
N GLU B 524 -43.30 -8.49 -41.27
CA GLU B 524 -44.07 -8.98 -42.41
C GLU B 524 -43.85 -8.10 -43.63
N ALA B 525 -43.83 -6.77 -43.45
CA ALA B 525 -43.47 -5.88 -44.54
C ALA B 525 -42.10 -6.22 -45.12
N ASP B 526 -41.12 -6.51 -44.25
CA ASP B 526 -39.76 -6.77 -44.74
C ASP B 526 -39.70 -8.07 -45.55
N ARG B 527 -40.45 -9.09 -45.15
CA ARG B 527 -40.49 -10.28 -46.00
C ARG B 527 -41.18 -9.99 -47.34
N LYS B 528 -42.26 -9.21 -47.34
CA LYS B 528 -42.88 -8.88 -48.62
C LYS B 528 -41.88 -8.23 -49.54
N PHE B 529 -41.06 -7.33 -49.00
CA PHE B 529 -40.00 -6.72 -49.77
C PHE B 529 -39.03 -7.76 -50.31
N GLU B 530 -38.62 -8.67 -49.44
CA GLU B 530 -37.61 -9.64 -49.84
C GLU B 530 -38.13 -10.58 -50.92
N GLU B 531 -39.42 -10.89 -50.91
CA GLU B 531 -39.97 -11.81 -51.90
C GLU B 531 -40.07 -11.12 -53.26
N LEU B 532 -40.41 -9.82 -53.23
CA LEU B 532 -40.52 -8.97 -54.42
C LEU B 532 -39.18 -8.75 -55.11
N VAL B 533 -38.08 -9.27 -54.57
CA VAL B 533 -36.83 -9.36 -55.32
C VAL B 533 -36.81 -10.67 -56.12
N ARG B 547 -26.07 -18.24 -54.04
CA ARG B 547 -25.06 -17.18 -53.97
C ARG B 547 -25.51 -15.73 -54.36
N LEU B 548 -25.37 -14.79 -53.43
CA LEU B 548 -25.97 -13.46 -53.58
C LEU B 548 -25.04 -12.53 -54.36
N LEU B 549 -25.64 -11.55 -55.02
CA LEU B 549 -24.96 -10.75 -56.02
C LEU B 549 -24.81 -9.31 -55.59
N LEU B 550 -23.73 -8.72 -56.04
CA LEU B 550 -23.40 -7.33 -55.79
C LEU B 550 -23.37 -6.51 -57.09
N THR B 551 -23.92 -5.30 -57.03
CA THR B 551 -23.79 -4.34 -58.10
C THR B 551 -22.49 -3.56 -57.93
N GLY B 552 -22.21 -2.65 -58.86
CA GLY B 552 -20.97 -1.91 -58.79
C GLY B 552 -20.53 -1.31 -60.12
#